data_5GOQ
#
_entry.id   5GOQ
#
_cell.length_a   96.515
_cell.length_b   179.094
_cell.length_c   181.562
_cell.angle_alpha   90.00
_cell.angle_beta   90.00
_cell.angle_gamma   90.00
#
_symmetry.space_group_name_H-M   'C 2 2 21'
#
loop_
_entity.id
_entity.type
_entity.pdbx_description
1 polymer 'Alkaline Invertase'
2 non-polymer alpha-D-glucopyranose
3 water water
#
_entity_poly.entity_id   1
_entity_poly.type   'polypeptide(L)'
_entity_poly.pdbx_seq_one_letter_code
;(MSE)GHHHHHH(MSE)KSLRETESWKLLESSIIYYEGNPIGTVAAQDPELAALNYDQCFLRDFVPSAFVFL(MSE)DGQ
TDIVRNFLIETLTLQSHEKE(MSE)DCFQPGAGL(MSE)PASFKVESDGSKEYLVADFGEKAIARVPPVDSC(MSE)WWI
LLLRAYEKATGDLTLAREPKFQAGIKLILDLCLAHRFS(MSE)YPT(MSE)LVPDGAF(MSE)IDRR(MSE)GVYEHPLE
IQVLFYAALRAARELLLPDGDGEQYLNKVHGRLGALQYHIRNYYWVDLKRLREIYRYKGNEFGKEIANKFNIFSQSIPDW
VIEWLPEKGGYLAGNLGPGR(MSE)DFRFFALGNL(MSE)AILAGLASEEESQRI(MSE)NLFAHRWEDLIGY(MSE)PV
KICYPALQGLEWQIVTGCDPKNIPWSYHNGGNWPVLLWLFTAAALKTGKVELAHEAIAIAEGRLSNDKFPEYYDGNNGRL
IGKEARIYQTWSIAGLLVAKQFLANPDHVEFISFPDT
;
_entity_poly.pdbx_strand_id   A,B,C
#
# COMPACT_ATOMS: atom_id res chain seq x y z
N THR A 15 -55.76 9.04 -6.63
CA THR A 15 -55.10 8.53 -5.43
C THR A 15 -54.03 9.47 -4.89
N GLU A 16 -53.53 9.16 -3.68
CA GLU A 16 -52.53 9.97 -2.99
C GLU A 16 -51.32 10.26 -3.87
N SER A 17 -50.86 9.24 -4.57
CA SER A 17 -49.63 9.33 -5.33
C SER A 17 -49.73 10.24 -6.56
N TRP A 18 -50.83 10.12 -7.30
CA TRP A 18 -51.05 11.02 -8.44
C TRP A 18 -51.06 12.46 -8.02
N LYS A 19 -51.74 12.73 -6.91
CA LYS A 19 -51.91 14.10 -6.45
C LYS A 19 -50.57 14.70 -6.03
N LEU A 20 -49.75 13.90 -5.35
CA LEU A 20 -48.39 14.31 -5.01
C LEU A 20 -47.53 14.57 -6.24
N LEU A 21 -47.67 13.70 -7.22
CA LEU A 21 -46.92 13.86 -8.46
C LEU A 21 -47.26 15.16 -9.17
N GLU A 22 -48.54 15.47 -9.26
CA GLU A 22 -48.96 16.71 -9.88
C GLU A 22 -48.48 17.95 -9.14
N SER A 23 -48.46 17.87 -7.82
CA SER A 23 -47.95 18.98 -6.99
C SER A 23 -46.48 19.24 -7.29
N SER A 24 -45.75 18.18 -7.64
CA SER A 24 -44.34 18.30 -7.92
C SER A 24 -44.06 18.98 -9.27
N ILE A 25 -45.08 19.05 -10.11
CA ILE A 25 -44.93 19.55 -11.47
C ILE A 25 -44.43 21.00 -11.48
N ILE A 26 -43.46 21.28 -12.34
CA ILE A 26 -42.92 22.62 -12.46
C ILE A 26 -43.41 23.31 -13.71
N TYR A 27 -44.10 24.45 -13.53
CA TYR A 27 -44.56 25.22 -14.68
C TYR A 27 -43.60 26.32 -15.05
N TYR A 28 -43.55 26.57 -16.36
CA TYR A 28 -42.69 27.58 -16.96
C TYR A 28 -43.45 28.25 -18.09
N GLU A 29 -43.62 29.57 -17.96
CA GLU A 29 -44.40 30.38 -18.89
C GLU A 29 -45.74 29.73 -19.20
N GLY A 30 -46.41 29.27 -18.14
CA GLY A 30 -47.72 28.68 -18.27
C GLY A 30 -47.72 27.22 -18.62
N ASN A 31 -46.54 26.69 -18.94
CA ASN A 31 -46.42 25.29 -19.39
C ASN A 31 -45.70 24.39 -18.38
N PRO A 32 -46.10 23.11 -18.31
CA PRO A 32 -45.39 22.16 -17.44
C PRO A 32 -44.12 21.64 -18.11
N ILE A 33 -42.96 21.83 -17.47
CA ILE A 33 -41.71 21.37 -18.08
C ILE A 33 -40.92 20.33 -17.28
N GLY A 34 -41.39 19.96 -16.10
CA GLY A 34 -40.68 18.98 -15.30
C GLY A 34 -41.23 18.83 -13.89
N THR A 35 -40.61 17.97 -13.10
CA THR A 35 -41.01 17.76 -11.71
C THR A 35 -39.85 18.00 -10.76
N VAL A 36 -40.14 18.63 -9.62
CA VAL A 36 -39.14 18.84 -8.56
C VAL A 36 -38.67 17.52 -7.96
N ALA A 37 -37.45 17.49 -7.44
CA ALA A 37 -36.87 16.28 -6.85
C ALA A 37 -37.66 15.84 -5.61
N ALA A 38 -38.01 16.80 -4.76
CA ALA A 38 -38.78 16.45 -3.57
C ALA A 38 -39.67 17.59 -3.12
N GLN A 39 -40.64 17.23 -2.27
CA GLN A 39 -41.58 18.18 -1.70
C GLN A 39 -41.48 18.19 -0.17
N ASP A 40 -40.25 18.07 0.34
CA ASP A 40 -40.04 18.05 1.78
C ASP A 40 -40.15 19.48 2.35
N PRO A 41 -41.21 19.74 3.13
CA PRO A 41 -41.39 21.07 3.71
C PRO A 41 -40.37 21.54 4.76
N GLU A 42 -40.03 20.66 5.69
CA GLU A 42 -39.11 20.97 6.78
C GLU A 42 -37.63 21.25 6.44
N LEU A 43 -37.04 20.48 5.55
CA LEU A 43 -35.63 20.67 5.23
C LEU A 43 -35.30 21.84 4.31
N ALA A 44 -34.01 22.17 4.30
CA ALA A 44 -33.46 23.22 3.46
C ALA A 44 -33.76 22.90 2.01
N ALA A 45 -34.10 23.93 1.24
CA ALA A 45 -34.46 23.70 -0.16
C ALA A 45 -33.29 23.10 -0.92
N LEU A 46 -32.08 23.58 -0.66
CA LEU A 46 -30.87 23.07 -1.29
C LEU A 46 -31.12 23.05 -2.81
N ASN A 47 -30.83 21.92 -3.47
CA ASN A 47 -31.08 21.81 -4.90
C ASN A 47 -32.24 20.87 -5.19
N TYR A 48 -32.91 20.40 -4.13
CA TYR A 48 -34.03 19.46 -4.30
C TYR A 48 -35.30 20.16 -4.79
N ASP A 49 -35.28 21.49 -4.83
CA ASP A 49 -36.36 22.25 -5.46
C ASP A 49 -36.20 22.28 -6.99
N GLN A 50 -35.06 21.78 -7.46
CA GLN A 50 -34.78 21.72 -8.89
C GLN A 50 -35.38 20.47 -9.54
N CYS A 51 -35.33 20.44 -10.86
CA CYS A 51 -35.69 19.26 -11.63
C CYS A 51 -34.43 18.59 -12.14
N PHE A 52 -34.18 17.37 -11.68
CA PHE A 52 -33.03 16.59 -12.16
C PHE A 52 -33.42 15.74 -13.38
N LEU A 53 -32.56 15.74 -14.39
CA LEU A 53 -32.84 15.00 -15.61
C LEU A 53 -33.01 13.49 -15.33
N ARG A 54 -32.21 12.94 -14.42
CA ARG A 54 -32.31 11.53 -14.08
C ARG A 54 -33.57 11.28 -13.27
N ASP A 55 -33.92 12.23 -12.41
CA ASP A 55 -35.12 12.10 -11.60
C ASP A 55 -36.40 12.16 -12.43
N PHE A 56 -36.37 12.97 -13.50
CA PHE A 56 -37.57 13.16 -14.30
C PHE A 56 -38.00 11.93 -15.09
N VAL A 57 -37.06 11.03 -15.37
CA VAL A 57 -37.36 9.86 -16.19
C VAL A 57 -38.58 9.06 -15.67
N PRO A 58 -38.53 8.58 -14.41
CA PRO A 58 -39.72 7.84 -13.96
C PRO A 58 -41.00 8.71 -13.92
N SER A 59 -40.89 10.00 -13.66
CA SER A 59 -42.04 10.90 -13.80
C SER A 59 -42.59 10.86 -15.21
N ALA A 60 -41.73 11.12 -16.18
CA ALA A 60 -42.05 11.06 -17.59
C ALA A 60 -42.81 9.78 -17.94
N PHE A 61 -42.33 8.65 -17.47
CA PHE A 61 -42.97 7.38 -17.77
C PHE A 61 -44.43 7.33 -17.29
N VAL A 62 -44.70 7.89 -16.11
CA VAL A 62 -46.08 7.96 -15.61
C VAL A 62 -46.96 8.81 -16.53
N PHE A 63 -46.46 9.96 -16.93
CA PHE A 63 -47.20 10.83 -17.82
C PHE A 63 -47.35 10.22 -19.21
N LEU A 64 -46.32 9.55 -19.69
CA LEU A 64 -46.40 8.88 -20.99
C LEU A 64 -47.52 7.84 -21.02
N ASP A 66 -50.03 7.66 -18.92
CA ASP A 66 -51.33 8.26 -18.62
C ASP A 66 -51.93 8.90 -19.88
N GLY A 67 -51.07 9.29 -20.81
CA GLY A 67 -51.51 9.96 -22.03
C GLY A 67 -51.32 11.46 -22.00
N GLN A 68 -50.92 11.99 -20.85
CA GLN A 68 -50.59 13.41 -20.80
C GLN A 68 -49.10 13.61 -21.09
N THR A 69 -48.81 13.89 -22.35
CA THR A 69 -47.45 13.86 -22.87
C THR A 69 -46.81 15.22 -23.06
N ASP A 70 -47.60 16.28 -22.94
CA ASP A 70 -47.11 17.63 -23.14
C ASP A 70 -45.85 17.88 -22.33
N ILE A 71 -45.93 17.59 -21.03
CA ILE A 71 -44.83 17.82 -20.10
C ILE A 71 -43.51 17.18 -20.53
N VAL A 72 -43.57 15.97 -21.06
CA VAL A 72 -42.37 15.25 -21.45
C VAL A 72 -41.75 15.91 -22.69
N ARG A 73 -42.61 16.28 -23.64
CA ARG A 73 -42.20 17.01 -24.83
C ARG A 73 -41.49 18.31 -24.47
N ASN A 74 -42.12 19.09 -23.60
CA ASN A 74 -41.59 20.38 -23.17
C ASN A 74 -40.26 20.22 -22.42
N PHE A 75 -40.20 19.22 -21.56
CA PHE A 75 -38.97 18.87 -20.82
C PHE A 75 -37.81 18.66 -21.78
N LEU A 76 -38.06 17.90 -22.83
CA LEU A 76 -37.04 17.60 -23.83
C LEU A 76 -36.63 18.83 -24.62
N ILE A 77 -37.61 19.68 -24.93
CA ILE A 77 -37.32 20.91 -25.66
C ILE A 77 -36.48 21.86 -24.79
N GLU A 78 -36.87 22.00 -23.52
CA GLU A 78 -36.17 22.95 -22.65
C GLU A 78 -34.74 22.50 -22.35
N THR A 79 -34.57 21.23 -22.02
CA THR A 79 -33.22 20.69 -21.78
C THR A 79 -32.33 20.80 -23.01
N LEU A 80 -32.91 20.62 -24.19
CA LEU A 80 -32.15 20.81 -25.42
C LEU A 80 -31.63 22.25 -25.51
N THR A 81 -32.48 23.21 -25.14
CA THR A 81 -32.08 24.61 -25.09
C THR A 81 -30.99 24.85 -24.03
N LEU A 82 -31.12 24.16 -22.89
CA LEU A 82 -30.10 24.28 -21.85
C LEU A 82 -28.75 23.78 -22.31
N GLN A 83 -28.75 22.72 -23.11
CA GLN A 83 -27.53 22.18 -23.71
C GLN A 83 -26.72 23.30 -24.35
N SER A 84 -27.42 24.22 -25.00
CA SER A 84 -26.76 25.32 -25.70
C SER A 84 -26.33 26.46 -24.76
N HIS A 85 -26.71 26.40 -23.50
CA HIS A 85 -26.33 27.46 -22.55
C HIS A 85 -24.82 27.50 -22.27
N GLU A 86 -24.36 28.62 -21.73
CA GLU A 86 -22.96 28.77 -21.37
C GLU A 86 -22.67 28.12 -20.04
N LYS A 87 -21.67 27.26 -20.04
CA LYS A 87 -21.32 26.46 -18.88
C LYS A 87 -19.81 26.50 -18.73
N GLU A 88 -19.33 27.01 -17.61
CA GLU A 88 -17.90 27.05 -17.37
C GLU A 88 -17.51 27.20 -15.91
N ASP A 90 -13.75 28.75 -14.09
CA ASP A 90 -12.38 29.22 -14.22
C ASP A 90 -11.83 29.15 -15.66
N CYS A 91 -12.59 29.72 -16.60
CA CYS A 91 -12.18 29.87 -18.00
C CYS A 91 -11.99 28.55 -18.74
N PHE A 92 -12.70 27.51 -18.31
CA PHE A 92 -12.66 26.22 -18.98
C PHE A 92 -14.07 25.73 -19.29
N GLN A 93 -14.31 25.38 -20.55
CA GLN A 93 -15.60 24.89 -20.98
C GLN A 93 -15.55 23.39 -21.23
N PRO A 94 -16.55 22.65 -20.72
CA PRO A 94 -16.64 21.25 -21.11
C PRO A 94 -17.20 21.11 -22.52
N GLY A 95 -17.34 19.87 -22.98
CA GLY A 95 -17.92 19.57 -24.28
C GLY A 95 -19.29 20.19 -24.40
N ALA A 96 -19.62 20.67 -25.60
CA ALA A 96 -20.86 21.41 -25.83
C ALA A 96 -22.12 20.58 -25.63
N GLY A 97 -21.99 19.26 -25.80
CA GLY A 97 -23.11 18.34 -25.68
C GLY A 97 -23.55 18.01 -24.27
N LEU A 98 -22.81 18.49 -23.28
CA LEU A 98 -23.07 18.19 -21.88
C LEU A 98 -24.45 18.65 -21.41
N PRO A 100 -27.23 19.13 -18.35
CA PRO A 100 -27.05 19.53 -16.94
C PRO A 100 -27.52 18.48 -15.95
N ALA A 101 -27.10 18.64 -14.71
CA ALA A 101 -27.57 17.74 -13.67
C ALA A 101 -29.03 18.04 -13.39
N SER A 102 -29.34 19.33 -13.27
CA SER A 102 -30.67 19.81 -12.94
C SER A 102 -30.91 21.26 -13.38
N PHE A 103 -32.16 21.70 -13.26
CA PHE A 103 -32.53 23.08 -13.56
C PHE A 103 -33.68 23.53 -12.66
N LYS A 104 -33.89 24.83 -12.56
CA LYS A 104 -35.05 25.38 -11.86
C LYS A 104 -35.52 26.66 -12.52
N VAL A 105 -36.70 27.15 -12.12
CA VAL A 105 -37.29 28.34 -12.71
C VAL A 105 -37.10 29.57 -11.82
N GLU A 106 -36.43 30.59 -12.37
CA GLU A 106 -36.19 31.82 -11.64
C GLU A 106 -36.94 33.00 -12.28
N SER A 107 -37.32 33.97 -11.45
CA SER A 107 -37.98 35.18 -11.94
C SER A 107 -37.17 36.44 -11.66
N ASP A 108 -36.90 37.21 -12.71
CA ASP A 108 -36.36 38.55 -12.57
C ASP A 108 -37.52 39.51 -12.83
N GLY A 109 -38.25 39.84 -11.77
CA GLY A 109 -39.47 40.59 -11.91
C GLY A 109 -40.54 39.77 -12.63
N SER A 110 -40.94 40.23 -13.80
CA SER A 110 -41.98 39.57 -14.58
C SER A 110 -41.50 38.46 -15.53
N LYS A 111 -40.29 38.57 -16.06
CA LYS A 111 -39.80 37.53 -16.94
C LYS A 111 -39.35 36.29 -16.16
N GLU A 112 -39.62 35.12 -16.73
CA GLU A 112 -39.16 33.85 -16.19
C GLU A 112 -38.02 33.31 -17.02
N TYR A 113 -37.02 32.75 -16.36
CA TYR A 113 -35.90 32.15 -17.07
C TYR A 113 -35.38 30.89 -16.36
N LEU A 114 -34.71 30.03 -17.12
CA LEU A 114 -34.19 28.76 -16.60
C LEU A 114 -32.73 28.87 -16.22
N VAL A 115 -32.39 28.36 -15.04
CA VAL A 115 -31.00 28.27 -14.62
C VAL A 115 -30.63 26.80 -14.45
N ALA A 116 -29.54 26.39 -15.08
CA ALA A 116 -29.11 25.01 -15.00
C ALA A 116 -27.85 24.83 -14.17
N ASP A 117 -27.72 23.67 -13.57
CA ASP A 117 -26.46 23.26 -12.96
C ASP A 117 -25.87 22.17 -13.84
N PHE A 118 -24.72 22.48 -14.47
CA PHE A 118 -24.01 21.53 -15.33
C PHE A 118 -22.85 20.87 -14.59
N GLY A 119 -22.72 21.18 -13.31
CA GLY A 119 -21.60 20.68 -12.53
C GLY A 119 -20.68 21.78 -12.04
N GLU A 120 -20.97 23.00 -12.46
CA GLU A 120 -20.22 24.16 -11.99
C GLU A 120 -20.82 24.71 -10.69
N LYS A 121 -22.03 24.26 -10.37
CA LYS A 121 -22.67 24.60 -9.10
C LYS A 121 -22.71 23.41 -8.16
N ALA A 122 -22.67 22.21 -8.73
CA ALA A 122 -22.85 20.97 -7.97
C ALA A 122 -21.82 20.75 -6.86
N ILE A 123 -22.24 20.01 -5.83
CA ILE A 123 -21.38 19.71 -4.71
C ILE A 123 -20.30 18.72 -5.15
N ALA A 124 -19.05 19.07 -4.88
CA ALA A 124 -17.93 18.20 -5.24
C ALA A 124 -17.61 18.36 -6.71
N ARG A 125 -18.35 19.24 -7.36
CA ARG A 125 -18.18 19.51 -8.78
C ARG A 125 -18.26 18.24 -9.64
N VAL A 126 -19.16 17.33 -9.28
CA VAL A 126 -19.32 16.09 -10.03
C VAL A 126 -19.98 16.34 -11.39
N PRO A 127 -19.53 15.62 -12.43
CA PRO A 127 -20.15 15.76 -13.76
C PRO A 127 -21.36 14.83 -13.94
N PRO A 128 -22.48 15.38 -14.42
CA PRO A 128 -23.70 14.58 -14.56
C PRO A 128 -23.67 13.80 -15.88
N VAL A 129 -22.81 12.80 -15.91
CA VAL A 129 -22.54 12.07 -17.13
C VAL A 129 -23.72 11.23 -17.58
N ASP A 130 -24.46 10.68 -16.62
CA ASP A 130 -25.61 9.85 -16.97
C ASP A 130 -26.78 10.70 -17.52
N SER A 131 -26.78 12.01 -17.23
CA SER A 131 -27.89 12.86 -17.64
C SER A 131 -28.06 12.99 -19.16
N CYS A 132 -26.97 13.08 -19.91
CA CYS A 132 -27.12 13.19 -21.36
C CYS A 132 -27.54 11.83 -21.96
N TRP A 134 -29.66 9.60 -20.26
CA TRP A 134 -31.08 9.52 -19.94
C TRP A 134 -31.91 10.40 -20.85
N TRP A 135 -31.36 11.55 -21.21
CA TRP A 135 -32.02 12.44 -22.15
C TRP A 135 -32.28 11.70 -23.47
N ILE A 136 -31.23 11.10 -24.04
CA ILE A 136 -31.38 10.32 -25.27
C ILE A 136 -32.36 9.17 -25.08
N LEU A 137 -32.24 8.45 -23.97
CA LEU A 137 -33.15 7.34 -23.70
C LEU A 137 -34.59 7.80 -23.58
N LEU A 138 -34.80 8.94 -22.93
CA LEU A 138 -36.14 9.46 -22.72
C LEU A 138 -36.72 9.97 -24.04
N LEU A 139 -35.88 10.57 -24.86
CA LEU A 139 -36.30 11.01 -26.18
C LEU A 139 -36.86 9.84 -27.00
N ARG A 140 -36.15 8.72 -26.97
CA ARG A 140 -36.59 7.49 -27.63
C ARG A 140 -37.86 6.95 -27.00
N ALA A 141 -37.90 6.93 -25.68
CA ALA A 141 -39.08 6.48 -24.95
C ALA A 141 -40.30 7.30 -25.35
N TYR A 142 -40.10 8.61 -25.51
CA TYR A 142 -41.17 9.52 -25.90
C TYR A 142 -41.67 9.22 -27.30
N GLU A 143 -40.76 8.95 -28.21
CA GLU A 143 -41.14 8.69 -29.59
C GLU A 143 -41.93 7.41 -29.71
N LYS A 144 -41.50 6.38 -29.01
CA LYS A 144 -42.16 5.08 -29.10
C LYS A 144 -43.53 5.11 -28.46
N ALA A 145 -43.65 5.84 -27.36
CA ALA A 145 -44.88 5.84 -26.58
C ALA A 145 -45.95 6.67 -27.26
N THR A 146 -45.55 7.82 -27.80
CA THR A 146 -46.53 8.73 -28.38
C THR A 146 -46.77 8.44 -29.86
N GLY A 147 -45.72 8.09 -30.60
CA GLY A 147 -45.86 7.98 -32.03
C GLY A 147 -45.53 9.31 -32.68
N ASP A 148 -44.99 10.24 -31.91
CA ASP A 148 -44.62 11.54 -32.44
C ASP A 148 -43.18 11.48 -32.95
N LEU A 149 -43.02 11.36 -34.26
CA LEU A 149 -41.70 11.30 -34.88
C LEU A 149 -41.20 12.69 -35.21
N THR A 150 -42.05 13.68 -35.02
CA THR A 150 -41.73 15.05 -35.36
C THR A 150 -40.56 15.65 -34.61
N LEU A 151 -40.54 15.40 -33.31
CA LEU A 151 -39.56 16.00 -32.42
C LEU A 151 -38.10 15.59 -32.67
N ALA A 152 -37.84 14.30 -32.78
CA ALA A 152 -36.47 13.84 -32.98
C ALA A 152 -35.91 14.22 -34.36
N ARG A 153 -36.79 14.39 -35.35
CA ARG A 153 -36.39 14.74 -36.72
C ARG A 153 -35.84 16.16 -36.86
N GLU A 154 -36.27 17.07 -36.00
CA GLU A 154 -35.89 18.47 -36.16
C GLU A 154 -34.38 18.65 -36.07
N PRO A 155 -33.84 19.60 -36.84
CA PRO A 155 -32.40 19.87 -36.85
C PRO A 155 -31.86 20.07 -35.44
N LYS A 156 -32.59 20.79 -34.62
CA LYS A 156 -32.18 21.07 -33.24
C LYS A 156 -31.85 19.78 -32.48
N PHE A 157 -32.77 18.83 -32.51
CA PHE A 157 -32.62 17.57 -31.80
C PHE A 157 -31.55 16.65 -32.41
N GLN A 158 -31.46 16.63 -33.74
CA GLN A 158 -30.41 15.87 -34.41
C GLN A 158 -29.04 16.43 -34.02
N ALA A 159 -28.93 17.76 -33.97
CA ALA A 159 -27.70 18.43 -33.58
C ALA A 159 -27.34 18.11 -32.14
N GLY A 160 -28.37 18.05 -31.30
CA GLY A 160 -28.19 17.80 -29.88
C GLY A 160 -27.76 16.38 -29.58
N ILE A 161 -28.40 15.41 -30.25
CA ILE A 161 -27.96 14.02 -30.16
C ILE A 161 -26.50 13.91 -30.58
N LYS A 162 -26.14 14.62 -31.66
CA LYS A 162 -24.80 14.54 -32.20
C LYS A 162 -23.74 15.14 -31.28
N LEU A 163 -24.08 16.26 -30.62
CA LEU A 163 -23.15 16.85 -29.67
C LEU A 163 -22.86 15.89 -28.52
N ILE A 164 -23.87 15.19 -28.05
CA ILE A 164 -23.71 14.15 -27.03
C ILE A 164 -22.79 13.02 -27.49
N LEU A 165 -23.01 12.54 -28.72
CA LEU A 165 -22.21 11.46 -29.26
C LEU A 165 -20.75 11.88 -29.44
N ASP A 166 -20.54 13.14 -29.80
CA ASP A 166 -19.19 13.69 -29.95
C ASP A 166 -18.44 13.60 -28.63
N LEU A 167 -19.13 13.92 -27.55
CA LEU A 167 -18.57 13.88 -26.21
C LEU A 167 -18.31 12.43 -25.77
N CYS A 168 -19.26 11.53 -26.07
CA CYS A 168 -19.13 10.12 -25.72
C CYS A 168 -18.06 9.38 -26.54
N LEU A 169 -18.06 9.59 -27.85
CA LEU A 169 -17.22 8.84 -28.75
C LEU A 169 -15.88 9.54 -29.00
N ALA A 170 -15.58 10.54 -28.19
CA ALA A 170 -14.31 11.25 -28.31
C ALA A 170 -13.15 10.31 -28.03
N HIS A 171 -12.05 10.49 -28.76
CA HIS A 171 -10.91 9.61 -28.58
C HIS A 171 -10.24 9.88 -27.26
N ARG A 172 -10.06 8.85 -26.47
CA ARG A 172 -9.47 8.96 -25.16
C ARG A 172 -8.29 8.02 -24.98
N PHE A 173 -7.50 8.23 -23.93
CA PHE A 173 -6.36 7.38 -23.66
C PHE A 173 -6.83 6.11 -22.98
N SER A 174 -7.15 5.11 -23.79
CA SER A 174 -7.56 3.79 -23.30
C SER A 174 -7.50 2.81 -24.45
N TYR A 176 -9.62 0.19 -24.26
CA TYR A 176 -10.98 -0.36 -24.19
C TYR A 176 -12.06 0.62 -24.63
N PRO A 177 -13.20 0.08 -25.04
CA PRO A 177 -14.33 0.87 -25.51
C PRO A 177 -15.17 1.45 -24.38
N THR A 178 -14.82 1.16 -23.13
CA THR A 178 -15.59 1.72 -22.03
C THR A 178 -15.37 3.22 -21.84
N LEU A 180 -14.32 6.43 -19.46
CA LEU A 180 -13.60 6.87 -18.27
C LEU A 180 -14.27 8.07 -17.63
N VAL A 181 -14.57 7.98 -16.35
CA VAL A 181 -15.19 9.09 -15.65
C VAL A 181 -14.55 9.33 -14.29
N PRO A 182 -14.69 10.54 -13.76
CA PRO A 182 -14.32 10.71 -12.35
C PRO A 182 -15.34 10.05 -11.44
N ASP A 183 -15.08 10.09 -10.14
CA ASP A 183 -15.97 9.51 -9.15
C ASP A 183 -17.26 10.34 -9.14
N GLY A 184 -18.38 9.72 -8.78
CA GLY A 184 -19.65 10.42 -8.66
C GLY A 184 -20.28 10.91 -9.95
N ALA A 185 -20.01 10.20 -11.05
CA ALA A 185 -20.50 10.56 -12.38
C ALA A 185 -21.98 10.26 -12.68
N PHE A 186 -22.57 9.26 -12.03
CA PHE A 186 -23.97 8.88 -12.32
C PHE A 186 -24.94 9.14 -11.16
N ILE A 188 -25.01 7.86 -8.46
CA ILE A 188 -24.19 7.98 -7.27
C ILE A 188 -23.39 9.23 -7.63
N ASP A 189 -23.76 10.37 -7.01
CA ASP A 189 -23.13 11.67 -7.29
C ASP A 189 -22.12 12.11 -6.24
N ARG A 190 -21.76 11.19 -5.38
CA ARG A 190 -20.77 11.44 -4.34
C ARG A 190 -19.62 10.46 -4.54
N ARG A 191 -18.46 10.79 -3.99
CA ARG A 191 -17.27 9.96 -4.12
C ARG A 191 -17.55 8.60 -3.49
N GLY A 193 -15.88 5.48 -4.95
CA GLY A 193 -15.00 4.50 -5.56
C GLY A 193 -15.58 4.00 -6.87
N VAL A 194 -16.46 4.80 -7.45
CA VAL A 194 -17.07 4.42 -8.72
C VAL A 194 -16.39 5.17 -9.87
N TYR A 195 -15.18 5.65 -9.61
CA TYR A 195 -14.37 6.27 -10.64
C TYR A 195 -13.92 5.23 -11.66
N GLU A 196 -13.38 5.70 -12.77
CA GLU A 196 -12.79 4.89 -13.85
C GLU A 196 -13.88 4.36 -14.79
N HIS A 197 -14.23 3.08 -14.69
CA HIS A 197 -15.23 2.51 -15.59
C HIS A 197 -16.37 1.78 -14.88
N PRO A 198 -17.21 2.52 -14.15
CA PRO A 198 -18.36 1.94 -13.44
C PRO A 198 -19.43 1.37 -14.37
N LEU A 199 -20.01 0.24 -13.96
CA LEU A 199 -21.03 -0.46 -14.75
C LEU A 199 -22.15 0.45 -15.25
N GLU A 200 -22.75 1.21 -14.35
CA GLU A 200 -23.88 2.07 -14.68
C GLU A 200 -23.63 2.93 -15.90
N ILE A 201 -22.50 3.61 -15.92
CA ILE A 201 -22.16 4.47 -17.05
C ILE A 201 -22.05 3.66 -18.34
N GLN A 202 -21.42 2.48 -18.26
CA GLN A 202 -21.23 1.65 -19.44
C GLN A 202 -22.57 1.09 -19.94
N VAL A 203 -23.45 0.72 -19.02
CA VAL A 203 -24.75 0.16 -19.39
C VAL A 203 -25.59 1.23 -20.04
N LEU A 204 -25.66 2.39 -19.40
CA LEU A 204 -26.43 3.51 -19.92
C LEU A 204 -25.83 4.04 -21.22
N PHE A 205 -24.50 4.01 -21.32
CA PHE A 205 -23.82 4.43 -22.54
C PHE A 205 -24.27 3.55 -23.69
N TYR A 206 -24.22 2.23 -23.46
CA TYR A 206 -24.70 1.24 -24.42
C TYR A 206 -26.15 1.50 -24.79
N ALA A 207 -27.00 1.61 -23.77
CA ALA A 207 -28.42 1.85 -23.96
C ALA A 207 -28.67 3.12 -24.77
N ALA A 208 -27.84 4.13 -24.56
CA ALA A 208 -28.00 5.41 -25.27
C ALA A 208 -27.55 5.29 -26.72
N LEU A 209 -26.51 4.49 -26.95
CA LEU A 209 -26.05 4.23 -28.30
C LEU A 209 -27.12 3.48 -29.10
N ARG A 210 -27.72 2.46 -28.50
CA ARG A 210 -28.80 1.72 -29.14
C ARG A 210 -29.96 2.62 -29.53
N ALA A 211 -30.32 3.53 -28.63
CA ALA A 211 -31.37 4.50 -28.89
C ALA A 211 -31.01 5.40 -30.06
N ALA A 212 -29.77 5.87 -30.10
CA ALA A 212 -29.31 6.79 -31.12
C ALA A 212 -29.50 6.26 -32.55
N ARG A 213 -29.46 4.93 -32.72
CA ARG A 213 -29.68 4.29 -34.01
C ARG A 213 -31.04 4.61 -34.63
N GLU A 214 -32.12 4.53 -33.84
CA GLU A 214 -33.44 4.86 -34.39
C GLU A 214 -33.66 6.36 -34.47
N LEU A 215 -32.90 7.13 -33.70
CA LEU A 215 -33.13 8.56 -33.64
C LEU A 215 -32.40 9.33 -34.72
N LEU A 216 -31.21 8.86 -35.09
CA LEU A 216 -30.39 9.56 -36.06
C LEU A 216 -30.88 9.45 -37.49
N LEU A 217 -31.17 10.59 -38.12
CA LEU A 217 -31.59 10.55 -39.50
C LEU A 217 -30.38 10.19 -40.32
N PRO A 218 -30.56 9.34 -41.34
CA PRO A 218 -29.36 8.98 -42.09
C PRO A 218 -29.08 9.94 -43.22
N ASP A 219 -28.75 11.19 -42.88
CA ASP A 219 -28.41 12.17 -43.89
C ASP A 219 -26.94 11.96 -44.19
N GLY A 220 -26.33 12.83 -44.99
CA GLY A 220 -24.92 12.69 -45.29
C GLY A 220 -24.06 12.75 -44.05
N ASP A 221 -24.40 13.65 -43.13
CA ASP A 221 -23.66 13.75 -41.86
C ASP A 221 -23.97 12.58 -40.94
N GLY A 222 -25.26 12.26 -40.83
CA GLY A 222 -25.74 11.20 -39.98
C GLY A 222 -25.17 9.82 -40.25
N GLU A 223 -24.97 9.51 -41.53
CA GLU A 223 -24.39 8.24 -41.93
C GLU A 223 -23.03 8.02 -41.25
N GLN A 224 -22.28 9.10 -41.08
CA GLN A 224 -20.98 9.03 -40.44
C GLN A 224 -21.13 8.64 -38.97
N TYR A 225 -22.17 9.18 -38.34
CA TYR A 225 -22.46 8.92 -36.93
C TYR A 225 -22.97 7.51 -36.66
N LEU A 226 -23.97 7.07 -37.43
CA LEU A 226 -24.54 5.74 -37.26
C LEU A 226 -23.49 4.62 -37.28
N ASN A 227 -22.49 4.77 -38.15
CA ASN A 227 -21.44 3.77 -38.25
C ASN A 227 -20.61 3.73 -36.98
N LYS A 228 -20.21 4.91 -36.51
CA LYS A 228 -19.47 5.01 -35.26
C LYS A 228 -20.29 4.41 -34.13
N VAL A 229 -21.58 4.71 -34.14
CA VAL A 229 -22.49 4.14 -33.15
C VAL A 229 -22.52 2.61 -33.22
N HIS A 230 -22.72 2.06 -34.42
N HIS A 230 -22.74 2.07 -34.41
CA HIS A 230 -22.79 0.63 -34.62
CA HIS A 230 -22.79 0.62 -34.60
C HIS A 230 -21.47 -0.05 -34.27
C HIS A 230 -21.47 -0.05 -34.26
N GLY A 231 -20.37 0.60 -34.64
CA GLY A 231 -19.05 0.12 -34.29
C GLY A 231 -18.83 -0.01 -32.79
N ARG A 232 -19.17 1.04 -32.05
CA ARG A 232 -18.96 1.07 -30.61
C ARG A 232 -19.90 0.13 -29.87
N LEU A 233 -21.15 0.05 -30.32
CA LEU A 233 -22.13 -0.88 -29.74
C LEU A 233 -21.60 -2.30 -29.66
N GLY A 234 -20.98 -2.75 -30.74
CA GLY A 234 -20.43 -4.08 -30.82
C GLY A 234 -19.27 -4.28 -29.87
N ALA A 235 -18.29 -3.37 -29.95
CA ALA A 235 -17.14 -3.40 -29.06
C ALA A 235 -17.57 -3.42 -27.60
N LEU A 236 -18.45 -2.47 -27.27
CA LEU A 236 -18.89 -2.25 -25.90
C LEU A 236 -19.59 -3.46 -25.27
N GLN A 237 -20.43 -4.12 -26.06
CA GLN A 237 -21.12 -5.32 -25.62
C GLN A 237 -20.17 -6.50 -25.39
N TYR A 238 -19.21 -6.69 -26.30
CA TYR A 238 -18.22 -7.74 -26.13
C TYR A 238 -17.48 -7.48 -24.83
N HIS A 239 -16.94 -6.28 -24.70
CA HIS A 239 -16.14 -5.93 -23.53
C HIS A 239 -16.86 -6.05 -22.20
N ILE A 240 -18.12 -5.63 -22.13
CA ILE A 240 -18.85 -5.76 -20.88
C ILE A 240 -19.18 -7.20 -20.53
N ARG A 241 -19.69 -7.95 -21.50
CA ARG A 241 -20.08 -9.34 -21.26
C ARG A 241 -18.88 -10.25 -20.94
N ASN A 242 -17.76 -10.04 -21.61
CA ASN A 242 -16.63 -10.95 -21.40
C ASN A 242 -15.79 -10.64 -20.16
N TYR A 243 -15.74 -9.38 -19.76
CA TYR A 243 -14.84 -8.96 -18.69
C TYR A 243 -15.53 -8.59 -17.40
N TYR A 244 -16.74 -8.03 -17.48
CA TYR A 244 -17.46 -7.63 -16.28
C TYR A 244 -18.27 -8.77 -15.67
N TRP A 245 -18.61 -9.78 -16.48
CA TRP A 245 -19.50 -10.84 -16.02
C TRP A 245 -18.86 -11.67 -14.90
N VAL A 246 -19.66 -11.98 -13.90
CA VAL A 246 -19.21 -12.73 -12.73
C VAL A 246 -20.16 -13.91 -12.45
N ASP A 247 -19.59 -15.11 -12.35
CA ASP A 247 -20.29 -16.28 -11.82
C ASP A 247 -19.25 -17.21 -11.20
N LEU A 248 -19.68 -18.29 -10.54
CA LEU A 248 -18.72 -19.18 -9.85
C LEU A 248 -17.69 -19.71 -10.80
N LYS A 249 -18.13 -20.13 -11.98
CA LYS A 249 -17.22 -20.60 -13.00
C LYS A 249 -16.15 -19.55 -13.25
N ARG A 250 -16.59 -18.29 -13.36
CA ARG A 250 -15.65 -17.21 -13.66
C ARG A 250 -14.76 -16.91 -12.46
N LEU A 251 -15.32 -17.01 -11.26
CA LEU A 251 -14.54 -16.79 -10.04
C LEU A 251 -13.43 -17.84 -9.84
N ARG A 252 -13.73 -19.08 -10.20
CA ARG A 252 -12.75 -20.15 -10.14
C ARG A 252 -11.61 -19.86 -11.09
N GLU A 253 -11.96 -19.37 -12.28
CA GLU A 253 -10.96 -18.98 -13.26
C GLU A 253 -10.10 -17.83 -12.72
N ILE A 254 -10.74 -16.79 -12.20
CA ILE A 254 -10.00 -15.66 -11.69
C ILE A 254 -9.11 -16.01 -10.50
N TYR A 255 -9.64 -16.80 -9.58
CA TYR A 255 -8.90 -17.22 -8.39
C TYR A 255 -7.60 -17.95 -8.73
N ARG A 256 -7.62 -18.74 -9.80
CA ARG A 256 -6.41 -19.41 -10.27
C ARG A 256 -5.49 -18.62 -11.23
N TYR A 257 -5.82 -17.36 -11.55
CA TYR A 257 -4.98 -16.55 -12.45
C TYR A 257 -3.57 -16.28 -11.88
N LYS A 258 -2.59 -16.26 -12.78
CA LYS A 258 -1.20 -15.95 -12.43
C LYS A 258 -1.01 -14.43 -12.37
N GLY A 259 -0.09 -13.98 -11.53
CA GLY A 259 0.21 -12.56 -11.42
C GLY A 259 1.33 -12.10 -12.35
N ASN A 260 1.21 -10.87 -12.85
CA ASN A 260 2.21 -10.24 -13.71
C ASN A 260 2.43 -11.01 -15.01
N ALA A 267 -3.43 -14.37 -20.03
CA ALA A 267 -4.80 -14.69 -19.60
C ALA A 267 -5.42 -13.57 -18.78
N ASN A 268 -4.75 -13.22 -17.68
CA ASN A 268 -5.17 -12.03 -16.93
C ASN A 268 -4.76 -10.74 -17.63
N LYS A 269 -5.70 -10.07 -18.27
CA LYS A 269 -5.28 -8.86 -18.97
C LYS A 269 -5.26 -7.64 -18.03
N PHE A 270 -5.98 -7.72 -16.91
CA PHE A 270 -6.05 -6.59 -15.99
C PHE A 270 -5.27 -6.75 -14.71
N ASN A 271 -4.46 -7.79 -14.65
CA ASN A 271 -3.56 -8.02 -13.52
C ASN A 271 -4.34 -8.06 -12.19
N ILE A 272 -5.29 -9.00 -12.09
CA ILE A 272 -6.03 -9.21 -10.85
C ILE A 272 -5.35 -10.23 -9.94
N PHE A 273 -4.80 -9.79 -8.82
CA PHE A 273 -4.22 -10.69 -7.81
C PHE A 273 -5.36 -11.40 -7.07
N SER A 274 -5.36 -12.72 -7.12
CA SER A 274 -6.50 -13.49 -6.61
C SER A 274 -6.73 -13.29 -5.12
N GLN A 275 -5.69 -12.89 -4.40
CA GLN A 275 -5.84 -12.47 -3.01
C GLN A 275 -6.68 -11.17 -2.93
N SER A 276 -6.89 -10.51 -4.07
CA SER A 276 -7.75 -9.32 -4.12
C SER A 276 -9.19 -9.66 -4.52
N ILE A 277 -9.56 -10.93 -4.50
CA ILE A 277 -10.97 -11.32 -4.59
C ILE A 277 -11.53 -11.40 -3.18
N PRO A 278 -12.60 -10.66 -2.89
CA PRO A 278 -13.15 -10.64 -1.52
C PRO A 278 -13.73 -11.99 -1.08
N ASP A 279 -13.71 -12.25 0.22
CA ASP A 279 -14.28 -13.47 0.78
C ASP A 279 -15.78 -13.57 0.55
N TRP A 280 -16.48 -12.46 0.78
CA TRP A 280 -17.94 -12.42 0.73
C TRP A 280 -18.50 -12.89 -0.62
N VAL A 281 -17.77 -12.65 -1.70
CA VAL A 281 -18.29 -12.93 -3.04
C VAL A 281 -18.55 -14.42 -3.22
N ILE A 282 -17.56 -15.21 -2.83
CA ILE A 282 -17.59 -16.66 -3.00
C ILE A 282 -18.78 -17.29 -2.27
N GLU A 283 -19.01 -16.87 -1.03
CA GLU A 283 -20.13 -17.39 -0.24
C GLU A 283 -21.47 -16.82 -0.67
N TRP A 284 -21.44 -15.63 -1.27
CA TRP A 284 -22.65 -14.91 -1.61
C TRP A 284 -23.32 -15.48 -2.84
N LEU A 285 -22.53 -15.67 -3.89
CA LEU A 285 -23.04 -16.20 -5.14
C LEU A 285 -23.64 -17.60 -5.01
N PRO A 286 -24.90 -17.77 -5.43
CA PRO A 286 -25.45 -19.12 -5.56
C PRO A 286 -24.91 -19.80 -6.80
N GLU A 287 -25.07 -21.11 -6.90
CA GLU A 287 -24.52 -21.83 -8.04
C GLU A 287 -25.06 -21.32 -9.36
N LYS A 288 -26.34 -20.98 -9.40
CA LYS A 288 -26.97 -20.52 -10.64
C LYS A 288 -27.19 -19.01 -10.68
N GLY A 289 -26.38 -18.27 -9.92
CA GLY A 289 -26.50 -16.83 -9.88
C GLY A 289 -25.31 -16.19 -10.56
N GLY A 290 -25.50 -14.95 -11.00
CA GLY A 290 -24.46 -14.18 -11.66
C GLY A 290 -24.83 -12.71 -11.76
N TYR A 291 -23.84 -11.89 -12.13
CA TYR A 291 -24.07 -10.47 -12.32
C TYR A 291 -22.92 -9.79 -13.03
N LEU A 292 -23.14 -8.54 -13.43
CA LEU A 292 -22.08 -7.74 -14.00
C LEU A 292 -21.41 -6.95 -12.86
N ALA A 293 -20.09 -7.05 -12.76
CA ALA A 293 -19.34 -6.40 -11.68
C ALA A 293 -19.44 -4.87 -11.74
N GLY A 294 -19.11 -4.22 -10.63
CA GLY A 294 -19.24 -2.79 -10.53
C GLY A 294 -18.27 -1.99 -11.36
N ASN A 295 -17.09 -2.54 -11.62
CA ASN A 295 -16.04 -1.75 -12.22
C ASN A 295 -14.87 -2.59 -12.70
N LEU A 296 -14.20 -2.12 -13.73
CA LEU A 296 -13.01 -2.76 -14.22
C LEU A 296 -11.97 -1.73 -14.66
N GLY A 297 -10.75 -1.89 -14.20
CA GLY A 297 -9.66 -1.00 -14.52
C GLY A 297 -8.33 -1.69 -14.27
N PRO A 298 -7.23 -1.02 -14.64
CA PRO A 298 -5.90 -1.60 -14.43
C PRO A 298 -5.70 -2.02 -12.98
N GLY A 299 -5.38 -3.31 -12.80
CA GLY A 299 -5.19 -3.89 -11.49
C GLY A 299 -6.43 -3.86 -10.62
N ARG A 300 -7.62 -3.77 -11.21
CA ARG A 300 -8.81 -3.55 -10.39
C ARG A 300 -10.10 -4.15 -10.90
N ASP A 302 -14.07 -4.34 -9.33
CA ASP A 302 -14.99 -4.02 -8.24
C ASP A 302 -16.10 -5.05 -8.22
N PHE A 303 -16.03 -6.00 -7.29
CA PHE A 303 -16.97 -7.10 -7.22
C PHE A 303 -18.28 -6.70 -6.56
N ARG A 304 -18.36 -5.46 -6.06
CA ARG A 304 -19.62 -4.96 -5.55
C ARG A 304 -20.70 -5.12 -6.62
N PHE A 305 -21.91 -5.41 -6.17
CA PHE A 305 -23.04 -5.56 -7.06
C PHE A 305 -23.78 -4.25 -7.15
N PHE A 306 -23.92 -3.70 -8.35
CA PHE A 306 -24.66 -2.44 -8.48
C PHE A 306 -25.99 -2.65 -9.19
N ALA A 307 -27.09 -2.38 -8.49
CA ALA A 307 -28.42 -2.72 -8.97
C ALA A 307 -28.82 -2.09 -10.31
N LEU A 308 -28.78 -0.76 -10.39
CA LEU A 308 -29.24 -0.07 -11.61
C LEU A 308 -28.48 -0.53 -12.86
N GLY A 309 -27.16 -0.59 -12.78
CA GLY A 309 -26.35 -1.11 -13.87
C GLY A 309 -26.81 -2.50 -14.31
N ASN A 310 -27.08 -3.37 -13.34
CA ASN A 310 -27.44 -4.73 -13.65
C ASN A 310 -28.84 -4.86 -14.23
N LEU A 311 -29.80 -4.13 -13.67
CA LEU A 311 -31.18 -4.15 -14.15
C LEU A 311 -31.31 -3.53 -15.56
N ALA A 313 -28.99 -3.44 -17.67
CA ALA A 313 -28.32 -4.37 -18.58
C ALA A 313 -29.31 -5.41 -19.10
N ILE A 314 -30.20 -5.84 -18.23
CA ILE A 314 -31.30 -6.73 -18.60
C ILE A 314 -32.25 -6.03 -19.58
N LEU A 315 -32.71 -4.84 -19.19
CA LEU A 315 -33.68 -4.11 -19.98
C LEU A 315 -33.12 -3.76 -21.34
N ALA A 316 -31.92 -3.19 -21.37
CA ALA A 316 -31.34 -2.75 -22.63
C ALA A 316 -30.87 -3.93 -23.48
N GLY A 317 -30.92 -5.14 -22.93
CA GLY A 317 -30.52 -6.31 -23.69
C GLY A 317 -29.01 -6.45 -23.78
N LEU A 318 -28.29 -5.73 -22.93
CA LEU A 318 -26.84 -5.80 -22.91
C LEU A 318 -26.43 -7.19 -22.42
N ALA A 319 -27.10 -7.64 -21.36
CA ALA A 319 -26.92 -8.99 -20.88
C ALA A 319 -27.65 -9.97 -21.79
N SER A 320 -27.15 -11.18 -21.90
CA SER A 320 -27.81 -12.19 -22.71
C SER A 320 -29.04 -12.68 -21.99
N GLU A 321 -29.74 -13.63 -22.58
CA GLU A 321 -30.91 -14.21 -21.94
C GLU A 321 -30.55 -14.98 -20.69
N GLU A 322 -29.54 -15.85 -20.77
CA GLU A 322 -29.17 -16.61 -19.59
C GLU A 322 -28.62 -15.70 -18.49
N GLU A 323 -27.77 -14.75 -18.89
CA GLU A 323 -27.18 -13.82 -17.93
C GLU A 323 -28.26 -13.03 -17.21
N SER A 324 -29.30 -12.65 -17.94
CA SER A 324 -30.44 -11.97 -17.34
C SER A 324 -31.14 -12.88 -16.34
N GLN A 325 -31.32 -14.15 -16.68
CA GLN A 325 -31.90 -15.14 -15.79
C GLN A 325 -31.07 -15.32 -14.51
N ARG A 326 -29.75 -15.40 -14.69
CA ARG A 326 -28.83 -15.58 -13.58
C ARG A 326 -28.82 -14.37 -12.64
N ILE A 327 -29.06 -13.17 -13.18
CA ILE A 327 -29.17 -11.98 -12.34
C ILE A 327 -30.42 -12.05 -11.45
N ASN A 329 -32.02 -14.87 -10.69
CA ASN A 329 -31.75 -15.95 -9.75
C ASN A 329 -31.02 -15.42 -8.54
N LEU A 330 -30.10 -14.48 -8.77
CA LEU A 330 -29.34 -13.83 -7.71
C LEU A 330 -30.22 -12.99 -6.77
N PHE A 331 -31.11 -12.19 -7.34
CA PHE A 331 -32.11 -11.47 -6.53
C PHE A 331 -32.95 -12.43 -5.71
N ALA A 332 -33.33 -13.55 -6.31
CA ALA A 332 -34.18 -14.52 -5.63
C ALA A 332 -33.49 -15.15 -4.42
N HIS A 333 -32.25 -15.62 -4.63
N HIS A 333 -32.26 -15.62 -4.64
CA HIS A 333 -31.50 -16.28 -3.58
CA HIS A 333 -31.50 -16.30 -3.59
C HIS A 333 -30.95 -15.32 -2.53
C HIS A 333 -30.97 -15.32 -2.52
N ARG A 334 -30.69 -14.08 -2.93
CA ARG A 334 -30.16 -13.05 -2.02
C ARG A 334 -31.15 -11.90 -1.81
N TRP A 335 -32.43 -12.25 -1.69
CA TRP A 335 -33.52 -11.28 -1.56
C TRP A 335 -33.42 -10.34 -0.37
N GLU A 336 -33.01 -10.87 0.76
CA GLU A 336 -32.88 -10.04 1.95
C GLU A 336 -31.82 -8.97 1.75
N ASP A 337 -30.73 -9.35 1.11
CA ASP A 337 -29.64 -8.44 0.83
C ASP A 337 -30.06 -7.37 -0.15
N LEU A 338 -30.65 -7.79 -1.26
CA LEU A 338 -30.87 -6.88 -2.38
C LEU A 338 -32.25 -6.19 -2.36
N ILE A 339 -33.19 -6.75 -1.62
CA ILE A 339 -34.51 -6.15 -1.51
C ILE A 339 -34.85 -5.87 -0.05
N GLY A 340 -34.82 -6.92 0.77
CA GLY A 340 -35.13 -6.80 2.19
C GLY A 340 -36.44 -6.09 2.45
N TYR A 341 -36.40 -5.14 3.36
CA TYR A 341 -37.53 -4.30 3.75
C TYR A 341 -37.94 -3.23 2.74
N PRO A 343 -37.29 -2.24 -1.48
CA PRO A 343 -36.55 -2.39 -2.74
C PRO A 343 -36.08 -1.02 -3.19
N VAL A 344 -34.89 -0.88 -3.75
CA VAL A 344 -33.93 -1.93 -4.03
C VAL A 344 -32.58 -1.45 -3.50
N LYS A 345 -31.73 -2.39 -3.06
CA LYS A 345 -30.40 -2.03 -2.56
C LYS A 345 -29.69 -1.41 -3.75
N ILE A 346 -29.09 -0.24 -3.55
CA ILE A 346 -28.35 0.43 -4.61
C ILE A 346 -27.07 -0.29 -4.99
N CYS A 347 -26.35 -0.81 -3.99
CA CYS A 347 -25.14 -1.60 -4.22
C CYS A 347 -24.86 -2.42 -2.95
N TYR A 348 -24.18 -3.54 -3.12
CA TYR A 348 -23.86 -4.44 -2.03
C TYR A 348 -22.47 -5.05 -2.20
N PRO A 349 -21.70 -5.17 -1.10
CA PRO A 349 -22.08 -4.72 0.24
C PRO A 349 -21.61 -3.29 0.51
N ALA A 350 -21.93 -2.79 1.70
CA ALA A 350 -21.47 -1.48 2.12
C ALA A 350 -19.96 -1.46 2.36
N LEU A 351 -19.32 -0.36 1.99
CA LEU A 351 -17.98 -0.03 2.47
C LEU A 351 -18.04 0.18 3.98
N GLN A 352 -17.12 -0.42 4.74
CA GLN A 352 -17.20 -0.30 6.19
C GLN A 352 -15.88 0.11 6.81
N GLY A 353 -15.96 0.53 8.07
CA GLY A 353 -14.80 0.91 8.84
C GLY A 353 -13.81 1.77 8.08
N LEU A 354 -12.57 1.32 8.09
CA LEU A 354 -11.49 2.04 7.44
C LEU A 354 -11.71 2.15 5.93
N GLU A 355 -12.38 1.16 5.35
CA GLU A 355 -12.60 1.15 3.92
C GLU A 355 -13.51 2.33 3.52
N TRP A 356 -14.55 2.54 4.31
CA TRP A 356 -15.41 3.70 4.14
C TRP A 356 -14.59 4.99 4.17
N GLN A 357 -13.61 5.06 5.06
CA GLN A 357 -12.77 6.25 5.23
C GLN A 357 -11.89 6.53 4.00
N ILE A 358 -11.14 5.54 3.57
CA ILE A 358 -10.21 5.70 2.46
C ILE A 358 -10.92 5.99 1.15
N VAL A 359 -11.96 5.21 0.86
CA VAL A 359 -12.65 5.28 -0.42
C VAL A 359 -13.54 6.50 -0.57
N THR A 360 -14.25 6.90 0.49
CA THR A 360 -15.21 8.02 0.38
C THR A 360 -14.71 9.34 0.97
N GLY A 361 -13.51 9.33 1.55
CA GLY A 361 -12.97 10.52 2.18
C GLY A 361 -13.69 10.92 3.45
N CYS A 362 -14.15 9.90 4.18
CA CYS A 362 -14.89 10.07 5.43
C CYS A 362 -16.16 10.89 5.15
N ASP A 363 -16.86 10.56 4.07
CA ASP A 363 -18.08 11.29 3.68
C ASP A 363 -19.23 10.89 4.61
N PRO A 364 -19.69 11.81 5.46
CA PRO A 364 -20.66 11.44 6.49
C PRO A 364 -22.06 11.18 5.94
N LYS A 365 -22.37 11.60 4.72
CA LYS A 365 -23.66 11.23 4.15
C LYS A 365 -23.66 9.78 3.67
N ASN A 366 -22.47 9.21 3.50
CA ASN A 366 -22.35 7.84 2.99
C ASN A 366 -21.78 6.82 3.98
N ILE A 367 -22.16 6.92 5.25
CA ILE A 367 -21.69 5.99 6.30
C ILE A 367 -22.22 4.60 5.93
N PRO A 368 -21.66 3.53 6.52
CA PRO A 368 -22.08 2.18 6.09
C PRO A 368 -23.59 1.91 6.08
N TRP A 369 -24.07 1.30 5.01
CA TRP A 369 -25.47 0.96 4.83
C TRP A 369 -26.38 2.19 4.78
N SER A 370 -25.83 3.31 4.33
CA SER A 370 -26.58 4.55 4.21
C SER A 370 -26.36 5.22 2.86
N TYR A 371 -27.44 5.71 2.26
CA TYR A 371 -27.36 6.41 0.98
C TYR A 371 -26.77 5.54 -0.13
N HIS A 372 -25.80 6.10 -0.84
CA HIS A 372 -25.13 5.40 -1.93
C HIS A 372 -24.40 4.17 -1.40
N ASN A 373 -23.86 4.27 -0.20
CA ASN A 373 -23.14 3.17 0.41
C ASN A 373 -24.06 2.16 1.10
N GLY A 374 -24.66 1.28 0.32
CA GLY A 374 -25.55 0.25 0.83
C GLY A 374 -27.00 0.59 1.17
N GLY A 375 -27.47 1.76 0.75
CA GLY A 375 -28.85 2.15 1.05
C GLY A 375 -29.85 1.47 0.11
N ASN A 376 -31.13 1.54 0.45
CA ASN A 376 -32.20 0.98 -0.38
C ASN A 376 -33.04 2.07 -1.02
N TRP A 377 -33.19 2.05 -2.33
CA TRP A 377 -33.80 3.17 -3.03
C TRP A 377 -35.10 2.73 -3.68
N PRO A 378 -36.23 3.27 -3.20
CA PRO A 378 -37.55 3.00 -3.77
C PRO A 378 -37.59 3.20 -5.29
N VAL A 379 -37.03 4.29 -5.82
CA VAL A 379 -37.12 4.56 -7.26
C VAL A 379 -36.69 3.33 -8.08
N LEU A 380 -35.68 2.61 -7.61
CA LEU A 380 -35.19 1.46 -8.35
C LEU A 380 -36.24 0.36 -8.53
N LEU A 381 -37.31 0.41 -7.74
CA LEU A 381 -38.42 -0.52 -7.92
C LEU A 381 -38.96 -0.56 -9.36
N TRP A 382 -38.98 0.58 -10.05
CA TRP A 382 -39.52 0.59 -11.42
C TRP A 382 -38.63 -0.18 -12.38
N LEU A 383 -37.32 -0.12 -12.20
CA LEU A 383 -36.42 -0.92 -13.01
C LEU A 383 -36.50 -2.40 -12.62
N PHE A 384 -36.57 -2.69 -11.33
CA PHE A 384 -36.68 -4.07 -10.89
C PHE A 384 -37.92 -4.73 -11.45
N THR A 385 -39.05 -4.02 -11.42
CA THR A 385 -40.30 -4.53 -11.93
C THR A 385 -40.22 -4.82 -13.44
N ALA A 386 -39.76 -3.82 -14.21
CA ALA A 386 -39.56 -4.00 -15.65
C ALA A 386 -38.69 -5.21 -15.95
N ALA A 387 -37.57 -5.32 -15.26
CA ALA A 387 -36.62 -6.39 -15.51
C ALA A 387 -37.16 -7.76 -15.09
N ALA A 388 -37.92 -7.79 -14.01
CA ALA A 388 -38.58 -9.01 -13.59
C ALA A 388 -39.58 -9.45 -14.66
N LEU A 389 -40.39 -8.51 -15.13
CA LEU A 389 -41.35 -8.78 -16.20
C LEU A 389 -40.68 -9.33 -17.47
N LYS A 390 -39.63 -8.65 -17.94
CA LYS A 390 -38.95 -9.05 -19.16
C LYS A 390 -38.40 -10.47 -19.08
N THR A 391 -38.04 -10.88 -17.88
CA THR A 391 -37.45 -12.20 -17.67
C THR A 391 -38.46 -13.22 -17.15
N GLY A 392 -39.73 -12.82 -17.06
CA GLY A 392 -40.76 -13.76 -16.66
C GLY A 392 -40.95 -14.02 -15.17
N LYS A 393 -40.26 -13.27 -14.33
CA LYS A 393 -40.35 -13.47 -12.88
C LYS A 393 -41.39 -12.55 -12.26
N VAL A 394 -42.66 -12.77 -12.60
CA VAL A 394 -43.75 -11.89 -12.19
C VAL A 394 -43.95 -11.86 -10.68
N GLU A 395 -43.86 -13.04 -10.07
CA GLU A 395 -43.98 -13.18 -8.62
C GLU A 395 -43.02 -12.25 -7.84
N LEU A 396 -41.84 -12.02 -8.40
CA LEU A 396 -40.85 -11.16 -7.78
C LEU A 396 -41.27 -9.69 -7.82
N ALA A 397 -41.85 -9.27 -8.94
CA ALA A 397 -42.42 -7.91 -9.06
C ALA A 397 -43.59 -7.69 -8.08
N HIS A 398 -44.48 -8.67 -7.96
CA HIS A 398 -45.59 -8.56 -7.00
C HIS A 398 -45.07 -8.38 -5.58
N GLU A 399 -44.09 -9.19 -5.19
CA GLU A 399 -43.57 -9.17 -3.84
C GLU A 399 -42.82 -7.88 -3.53
N ALA A 400 -41.98 -7.45 -4.47
CA ALA A 400 -41.23 -6.21 -4.29
C ALA A 400 -42.17 -5.01 -4.16
N ILE A 401 -43.20 -4.94 -5.02
CA ILE A 401 -44.21 -3.88 -4.94
C ILE A 401 -45.02 -3.98 -3.63
N ALA A 402 -45.37 -5.20 -3.24
CA ALA A 402 -46.10 -5.43 -1.99
C ALA A 402 -45.31 -4.84 -0.83
N ILE A 403 -44.01 -5.15 -0.80
CA ILE A 403 -43.10 -4.68 0.22
C ILE A 403 -43.07 -3.16 0.23
N ALA A 404 -42.80 -2.57 -0.94
CA ALA A 404 -42.75 -1.12 -1.04
C ALA A 404 -44.05 -0.46 -0.61
N GLU A 405 -45.18 -0.98 -1.11
CA GLU A 405 -46.50 -0.38 -0.84
C GLU A 405 -46.82 -0.35 0.65
N GLY A 406 -46.40 -1.37 1.39
CA GLY A 406 -46.67 -1.42 2.80
C GLY A 406 -46.03 -0.33 3.65
N ARG A 407 -44.96 0.30 3.16
CA ARG A 407 -44.23 1.28 3.96
C ARG A 407 -44.26 2.70 3.41
N LEU A 408 -44.05 2.83 2.10
CA LEU A 408 -43.83 4.14 1.47
C LEU A 408 -44.83 5.23 1.88
N SER A 409 -46.11 4.94 1.71
CA SER A 409 -47.14 5.91 2.02
C SER A 409 -47.09 6.34 3.48
N ASN A 410 -47.04 5.37 4.38
CA ASN A 410 -46.95 5.67 5.81
C ASN A 410 -45.70 6.47 6.18
N ASP A 411 -44.60 6.17 5.50
CA ASP A 411 -43.31 6.81 5.75
C ASP A 411 -43.18 8.15 5.01
N LYS A 412 -44.20 8.49 4.23
CA LYS A 412 -44.23 9.72 3.43
C LYS A 412 -43.26 9.72 2.25
N PHE A 413 -43.06 8.55 1.65
CA PHE A 413 -42.20 8.42 0.48
C PHE A 413 -40.78 8.95 0.63
N PRO A 414 -40.00 8.37 1.54
CA PRO A 414 -38.61 8.76 1.80
C PRO A 414 -37.72 8.54 0.58
N GLU A 415 -36.75 9.44 0.39
CA GLU A 415 -35.82 9.36 -0.72
C GLU A 415 -35.04 8.03 -0.74
N TYR A 416 -34.67 7.55 0.44
CA TYR A 416 -33.97 6.27 0.58
C TYR A 416 -34.14 5.67 1.97
N TYR A 417 -33.68 4.43 2.10
CA TYR A 417 -33.74 3.70 3.37
C TYR A 417 -32.34 3.21 3.69
N ASP A 418 -32.06 3.00 4.98
CA ASP A 418 -30.73 2.60 5.46
C ASP A 418 -30.73 1.27 6.23
N GLY A 419 -29.54 0.69 6.40
CA GLY A 419 -29.37 -0.59 7.07
C GLY A 419 -29.13 -1.75 6.12
N ASN A 420 -28.68 -2.87 6.66
CA ASN A 420 -28.43 -4.05 5.84
C ASN A 420 -29.64 -4.43 5.03
N ASN A 421 -30.82 -4.33 5.64
CA ASN A 421 -32.04 -4.76 4.99
C ASN A 421 -33.05 -3.64 4.82
N GLY A 422 -32.59 -2.40 4.91
CA GLY A 422 -33.46 -1.25 4.68
C GLY A 422 -34.56 -1.03 5.71
N ARG A 423 -34.30 -1.41 6.95
CA ARG A 423 -35.28 -1.23 8.02
C ARG A 423 -35.48 0.22 8.40
N LEU A 424 -34.39 0.99 8.37
CA LEU A 424 -34.43 2.39 8.78
C LEU A 424 -34.81 3.31 7.63
N ILE A 425 -35.57 4.36 7.94
CA ILE A 425 -35.74 5.43 7.00
C ILE A 425 -34.38 6.11 6.88
N GLY A 426 -33.96 6.39 5.65
CA GLY A 426 -32.66 6.95 5.36
C GLY A 426 -32.26 8.09 6.28
N LYS A 427 -30.99 8.09 6.68
CA LYS A 427 -30.48 9.04 7.67
C LYS A 427 -30.81 10.52 7.36
N GLU A 428 -30.46 10.97 6.16
CA GLU A 428 -30.73 12.34 5.76
C GLU A 428 -31.71 12.40 4.61
N ALA A 429 -32.53 11.36 4.49
CA ALA A 429 -33.47 11.26 3.38
C ALA A 429 -34.54 12.34 3.42
N ARG A 430 -34.84 12.87 2.25
CA ARG A 430 -35.93 13.84 2.12
C ARG A 430 -37.23 13.07 1.92
N ILE A 431 -38.32 13.59 2.47
CA ILE A 431 -39.62 12.95 2.27
C ILE A 431 -40.32 13.57 1.06
N TYR A 432 -41.32 12.85 0.56
CA TYR A 432 -42.03 13.19 -0.68
C TYR A 432 -41.02 13.36 -1.81
N GLN A 433 -40.10 12.39 -1.90
CA GLN A 433 -39.15 12.36 -3.00
C GLN A 433 -39.89 11.91 -4.26
N THR A 434 -39.87 12.74 -5.30
CA THR A 434 -40.73 12.49 -6.47
C THR A 434 -40.46 11.13 -7.13
N TRP A 435 -39.20 10.79 -7.37
CA TRP A 435 -38.96 9.52 -8.09
C TRP A 435 -39.21 8.30 -7.22
N SER A 436 -39.28 8.47 -5.90
CA SER A 436 -39.78 7.39 -5.05
C SER A 436 -41.27 7.20 -5.33
N ILE A 437 -42.00 8.30 -5.34
CA ILE A 437 -43.44 8.26 -5.63
C ILE A 437 -43.67 7.75 -7.05
N ALA A 438 -42.96 8.33 -8.01
CA ALA A 438 -43.06 7.94 -9.41
C ALA A 438 -42.60 6.50 -9.63
N GLY A 439 -41.59 6.07 -8.88
CA GLY A 439 -41.10 4.72 -9.01
C GLY A 439 -42.17 3.68 -8.73
N LEU A 440 -42.93 3.89 -7.66
CA LEU A 440 -43.99 2.96 -7.30
C LEU A 440 -45.07 2.94 -8.39
N LEU A 441 -45.56 4.13 -8.75
CA LEU A 441 -46.54 4.26 -9.82
C LEU A 441 -46.13 3.54 -11.11
N VAL A 442 -44.94 3.81 -11.61
CA VAL A 442 -44.46 3.20 -12.83
C VAL A 442 -44.43 1.67 -12.71
N ALA A 443 -44.07 1.18 -11.54
CA ALA A 443 -43.99 -0.26 -11.33
C ALA A 443 -45.37 -0.90 -11.35
N LYS A 444 -46.37 -0.19 -10.85
CA LYS A 444 -47.74 -0.70 -10.89
C LYS A 444 -48.32 -0.62 -12.31
N GLN A 445 -47.96 0.43 -13.04
CA GLN A 445 -48.36 0.57 -14.44
C GLN A 445 -47.80 -0.53 -15.32
N PHE A 446 -46.55 -0.90 -15.08
CA PHE A 446 -45.91 -2.00 -15.81
C PHE A 446 -46.58 -3.32 -15.53
N LEU A 447 -46.93 -3.52 -14.27
CA LEU A 447 -47.55 -4.76 -13.84
C LEU A 447 -48.93 -4.92 -14.49
N ALA A 448 -49.66 -3.80 -14.57
CA ALA A 448 -50.95 -3.79 -15.24
C ALA A 448 -50.84 -3.97 -16.78
N ASN A 449 -49.84 -3.36 -17.43
CA ASN A 449 -49.66 -3.50 -18.88
C ASN A 449 -48.18 -3.70 -19.27
N PRO A 450 -47.68 -4.93 -19.18
CA PRO A 450 -46.29 -5.33 -19.43
C PRO A 450 -45.73 -4.93 -20.80
N ASP A 451 -46.60 -4.63 -21.76
CA ASP A 451 -46.13 -4.22 -23.08
C ASP A 451 -45.49 -2.83 -23.06
N HIS A 452 -45.85 -2.03 -22.06
CA HIS A 452 -45.25 -0.70 -21.90
C HIS A 452 -43.76 -0.75 -21.54
N VAL A 453 -43.32 -1.91 -21.04
CA VAL A 453 -41.91 -2.12 -20.75
C VAL A 453 -41.03 -1.92 -21.99
N GLU A 454 -41.64 -2.05 -23.18
CA GLU A 454 -40.91 -1.83 -24.42
C GLU A 454 -40.27 -0.45 -24.52
N PHE A 455 -40.89 0.54 -23.87
CA PHE A 455 -40.43 1.92 -23.99
C PHE A 455 -39.01 2.09 -23.46
N ILE A 456 -38.69 1.36 -22.40
CA ILE A 456 -37.38 1.44 -21.80
C ILE A 456 -36.47 0.31 -22.32
N SER A 457 -36.97 -0.46 -23.28
CA SER A 457 -36.19 -1.60 -23.75
C SER A 457 -36.29 -1.77 -25.27
N LEU B 12 36.59 -5.33 50.86
CA LEU B 12 35.86 -6.02 49.80
C LEU B 12 34.68 -6.82 50.34
N ARG B 13 34.95 -7.64 51.35
CA ARG B 13 33.95 -8.49 52.00
C ARG B 13 33.12 -7.74 53.05
N GLU B 14 33.15 -6.42 53.02
CA GLU B 14 32.44 -5.63 54.01
C GLU B 14 31.22 -4.91 53.44
N THR B 15 31.17 -4.75 52.12
CA THR B 15 30.10 -3.97 51.49
C THR B 15 28.75 -4.65 51.73
N GLU B 16 27.69 -3.89 51.50
CA GLU B 16 26.30 -4.34 51.65
C GLU B 16 25.97 -5.61 50.85
N SER B 17 26.37 -5.63 49.58
CA SER B 17 26.07 -6.72 48.68
C SER B 17 26.59 -8.07 49.18
N TRP B 18 27.80 -8.10 49.72
CA TRP B 18 28.35 -9.36 50.24
C TRP B 18 27.48 -9.98 51.31
N LYS B 19 27.03 -9.17 52.25
CA LYS B 19 26.22 -9.71 53.34
C LYS B 19 24.87 -10.17 52.82
N LEU B 20 24.32 -9.46 51.85
CA LEU B 20 23.05 -9.91 51.26
C LEU B 20 23.26 -11.26 50.60
N LEU B 21 24.41 -11.42 49.95
CA LEU B 21 24.76 -12.67 49.29
C LEU B 21 25.03 -13.80 50.27
N GLU B 22 25.67 -13.48 51.39
CA GLU B 22 25.86 -14.42 52.49
C GLU B 22 24.53 -14.90 53.03
N SER B 23 23.64 -13.93 53.28
CA SER B 23 22.32 -14.20 53.82
C SER B 23 21.58 -15.22 52.95
N SER B 24 21.76 -15.11 51.62
CA SER B 24 21.06 -15.97 50.66
C SER B 24 21.52 -17.41 50.69
N ILE B 25 22.63 -17.69 51.35
CA ILE B 25 23.23 -19.02 51.32
C ILE B 25 22.32 -20.06 51.95
N ILE B 26 22.15 -21.18 51.25
CA ILE B 26 21.40 -22.31 51.77
C ILE B 26 22.36 -23.35 52.36
N TYR B 27 22.05 -23.80 53.57
CA TYR B 27 22.85 -24.84 54.20
C TYR B 27 22.10 -26.16 54.24
N TYR B 28 22.80 -27.22 53.85
CA TYR B 28 22.27 -28.58 53.87
C TYR B 28 23.19 -29.47 54.68
N GLU B 29 22.64 -30.08 55.73
CA GLU B 29 23.41 -30.93 56.65
C GLU B 29 24.66 -30.20 57.13
N GLY B 30 24.50 -28.94 57.54
CA GLY B 30 25.61 -28.16 58.04
C GLY B 30 26.52 -27.56 56.99
N ASN B 31 26.34 -27.96 55.74
CA ASN B 31 27.20 -27.48 54.65
C ASN B 31 26.48 -26.53 53.70
N PRO B 32 27.21 -25.56 53.13
CA PRO B 32 26.57 -24.65 52.17
C PRO B 32 26.48 -25.31 50.81
N ILE B 33 25.27 -25.40 50.24
CA ILE B 33 25.12 -26.06 48.94
C ILE B 33 24.59 -25.19 47.80
N GLY B 34 24.13 -23.97 48.13
CA GLY B 34 23.63 -23.07 47.12
C GLY B 34 23.09 -21.78 47.70
N THR B 35 22.50 -20.93 46.86
CA THR B 35 21.87 -19.70 47.29
C THR B 35 20.42 -19.64 46.81
N VAL B 36 19.54 -19.03 47.61
CA VAL B 36 18.14 -18.86 47.22
C VAL B 36 17.98 -17.85 46.07
N ALA B 37 16.91 -17.98 45.29
CA ALA B 37 16.65 -17.11 44.15
C ALA B 37 16.54 -15.65 44.56
N ALA B 38 15.78 -15.42 45.63
CA ALA B 38 15.57 -14.09 46.16
C ALA B 38 15.28 -14.12 47.66
N GLN B 39 15.45 -12.96 48.30
CA GLN B 39 15.20 -12.84 49.73
C GLN B 39 13.99 -11.93 50.04
N ASP B 40 13.06 -11.86 49.09
CA ASP B 40 11.86 -11.04 49.23
C ASP B 40 11.19 -11.41 50.54
N PRO B 41 10.79 -10.40 51.34
CA PRO B 41 10.03 -10.64 52.57
C PRO B 41 8.76 -11.44 52.31
N GLU B 42 8.32 -11.45 51.04
CA GLU B 42 7.20 -12.26 50.51
C GLU B 42 5.87 -11.52 50.61
N GLN B 50 13.69 -22.95 45.47
CA GLN B 50 14.57 -22.15 46.32
C GLN B 50 15.86 -21.77 45.62
N CYS B 51 16.58 -22.77 45.12
CA CYS B 51 17.85 -22.52 44.44
C CYS B 51 17.81 -22.94 42.97
N PHE B 52 18.00 -21.98 42.09
CA PHE B 52 17.99 -22.24 40.65
C PHE B 52 19.42 -22.39 40.11
N LEU B 53 19.65 -23.46 39.35
CA LEU B 53 20.97 -23.72 38.79
C LEU B 53 21.53 -22.54 38.00
N ARG B 54 20.74 -21.99 37.08
CA ARG B 54 21.22 -20.88 36.26
C ARG B 54 21.47 -19.64 37.13
N ASP B 55 20.63 -19.46 38.14
CA ASP B 55 20.74 -18.36 39.06
C ASP B 55 22.02 -18.45 39.88
N PHE B 56 22.42 -19.67 40.21
CA PHE B 56 23.59 -19.88 41.08
C PHE B 56 24.91 -19.51 40.42
N VAL B 57 24.95 -19.53 39.09
CA VAL B 57 26.20 -19.27 38.36
C VAL B 57 26.85 -17.91 38.74
N PRO B 58 26.11 -16.78 38.64
CA PRO B 58 26.77 -15.55 39.10
C PRO B 58 27.17 -15.60 40.60
N SER B 59 26.40 -16.30 41.44
CA SER B 59 26.77 -16.47 42.85
C SER B 59 28.12 -17.16 42.96
N ALA B 60 28.18 -18.37 42.38
CA ALA B 60 29.40 -19.16 42.31
C ALA B 60 30.60 -18.30 41.92
N PHE B 61 30.45 -17.50 40.88
CA PHE B 61 31.54 -16.66 40.39
C PHE B 61 32.10 -15.71 41.45
N VAL B 62 31.22 -15.15 42.26
CA VAL B 62 31.64 -14.30 43.36
C VAL B 62 32.50 -15.06 44.37
N PHE B 63 31.94 -16.16 44.87
CA PHE B 63 32.59 -16.97 45.88
C PHE B 63 33.96 -17.46 45.39
N LEU B 64 34.03 -17.83 44.12
CA LEU B 64 35.28 -18.30 43.52
C LEU B 64 36.35 -17.22 43.55
N ASP B 66 36.41 -14.79 45.59
CA ASP B 66 36.68 -14.59 47.01
C ASP B 66 37.74 -15.58 47.46
N GLY B 67 37.63 -16.81 46.94
CA GLY B 67 38.53 -17.87 47.29
C GLY B 67 37.84 -18.88 48.19
N GLN B 68 36.56 -18.64 48.43
CA GLN B 68 35.74 -19.54 49.23
C GLN B 68 35.08 -20.42 48.20
N THR B 69 35.55 -21.65 48.08
CA THR B 69 35.02 -22.57 47.07
C THR B 69 34.25 -23.80 47.53
N ASP B 70 34.04 -23.98 48.82
CA ASP B 70 33.32 -25.15 49.30
C ASP B 70 31.88 -25.19 48.81
N ILE B 71 31.25 -24.02 48.83
CA ILE B 71 29.86 -23.87 48.40
C ILE B 71 29.68 -24.28 46.93
N VAL B 72 30.61 -23.89 46.07
CA VAL B 72 30.53 -24.18 44.66
C VAL B 72 30.72 -25.69 44.47
N ARG B 73 31.65 -26.25 45.23
CA ARG B 73 31.92 -27.68 45.22
C ARG B 73 30.69 -28.50 45.62
N ASN B 74 30.08 -28.11 46.74
CA ASN B 74 28.94 -28.86 47.26
C ASN B 74 27.77 -28.78 46.30
N PHE B 75 27.59 -27.61 45.70
CA PHE B 75 26.55 -27.39 44.70
C PHE B 75 26.72 -28.34 43.51
N LEU B 76 27.94 -28.43 42.99
CA LEU B 76 28.20 -29.29 41.86
C LEU B 76 27.97 -30.77 42.19
N ILE B 77 28.34 -31.18 43.41
CA ILE B 77 28.15 -32.56 43.85
C ILE B 77 26.67 -32.89 44.01
N GLU B 78 25.95 -32.04 44.74
CA GLU B 78 24.55 -32.31 45.08
C GLU B 78 23.62 -32.27 43.87
N THR B 79 23.90 -31.38 42.92
CA THR B 79 23.11 -31.33 41.70
C THR B 79 23.38 -32.54 40.83
N LEU B 80 24.64 -33.01 40.84
CA LEU B 80 25.00 -34.22 40.11
C LEU B 80 24.29 -35.45 40.69
N THR B 81 24.20 -35.49 42.01
CA THR B 81 23.46 -36.53 42.70
C THR B 81 22.00 -36.50 42.25
N LEU B 82 21.47 -35.30 42.04
CA LEU B 82 20.08 -35.12 41.62
C LEU B 82 19.82 -35.65 40.21
N GLN B 83 20.76 -35.41 39.29
CA GLN B 83 20.72 -35.97 37.93
C GLN B 83 20.37 -37.47 37.86
N SER B 84 20.97 -38.24 38.77
CA SER B 84 20.81 -39.69 38.80
C SER B 84 19.54 -40.18 39.52
N HIS B 85 18.77 -39.26 40.09
CA HIS B 85 17.53 -39.62 40.77
C HIS B 85 16.39 -39.92 39.81
N GLU B 86 15.38 -40.63 40.31
CA GLU B 86 14.15 -40.88 39.56
C GLU B 86 13.38 -39.59 39.32
N LYS B 87 13.10 -39.33 38.05
CA LYS B 87 12.36 -38.15 37.62
C LYS B 87 11.38 -38.56 36.52
N GLU B 88 10.09 -38.35 36.72
CA GLU B 88 9.15 -38.75 35.68
C GLU B 88 7.80 -38.07 35.74
N ASP B 90 3.66 -39.19 34.19
CA ASP B 90 2.72 -40.07 33.46
C ASP B 90 3.34 -41.38 32.94
N CYS B 91 3.97 -42.11 33.85
CA CYS B 91 4.66 -43.39 33.62
C CYS B 91 5.71 -43.29 32.52
N PHE B 92 6.32 -42.11 32.36
CA PHE B 92 7.35 -41.99 31.35
C PHE B 92 8.54 -41.19 31.88
N GLN B 93 9.75 -41.61 31.49
CA GLN B 93 10.98 -40.98 31.96
C GLN B 93 11.84 -40.36 30.87
N PRO B 94 12.31 -39.12 31.10
CA PRO B 94 13.18 -38.40 30.17
C PRO B 94 14.64 -38.85 30.20
N GLY B 95 15.49 -38.15 29.45
CA GLY B 95 16.91 -38.43 29.39
C GLY B 95 17.62 -38.46 30.73
N ALA B 96 18.49 -39.44 30.90
CA ALA B 96 19.18 -39.64 32.17
C ALA B 96 20.07 -38.45 32.55
N GLY B 97 20.62 -37.77 31.54
CA GLY B 97 21.51 -36.65 31.77
C GLY B 97 20.89 -35.32 32.16
N LEU B 98 19.57 -35.25 32.19
CA LEU B 98 18.87 -34.00 32.45
C LEU B 98 19.11 -33.44 33.87
N PRO B 100 17.98 -30.57 36.88
CA PRO B 100 16.73 -29.90 37.25
C PRO B 100 16.82 -28.39 37.05
N ALA B 101 15.67 -27.71 37.11
CA ALA B 101 15.64 -26.24 37.05
C ALA B 101 16.12 -25.70 38.37
N SER B 102 15.69 -26.36 39.44
CA SER B 102 15.96 -25.90 40.78
C SER B 102 15.78 -27.04 41.78
N PHE B 103 16.27 -26.82 43.00
CA PHE B 103 16.05 -27.77 44.08
C PHE B 103 15.75 -27.00 45.36
N LYS B 104 15.14 -27.65 46.35
CA LYS B 104 15.01 -27.03 47.66
C LYS B 104 15.23 -28.03 48.77
N VAL B 105 15.63 -27.51 49.94
CA VAL B 105 15.86 -28.34 51.11
C VAL B 105 14.58 -28.43 51.95
N GLU B 106 14.25 -29.65 52.38
CA GLU B 106 13.11 -29.86 53.25
C GLU B 106 13.48 -30.79 54.40
N SER B 107 12.80 -30.59 55.53
CA SER B 107 13.02 -31.43 56.70
C SER B 107 11.88 -32.42 56.89
N GLU B 112 16.55 -33.70 57.24
CA GLU B 112 16.62 -32.89 56.03
C GLU B 112 16.89 -33.73 54.77
N TYR B 113 16.23 -33.38 53.67
CA TYR B 113 16.48 -34.02 52.38
C TYR B 113 16.25 -33.06 51.21
N LEU B 114 16.83 -33.38 50.06
CA LEU B 114 16.73 -32.54 48.86
C LEU B 114 15.62 -32.97 47.91
N VAL B 115 14.85 -32.00 47.42
CA VAL B 115 13.82 -32.22 46.41
C VAL B 115 14.11 -31.38 45.18
N ALA B 116 14.03 -31.98 44.00
CA ALA B 116 14.41 -31.30 42.77
C ALA B 116 13.18 -30.96 41.95
N ASP B 117 13.30 -29.95 41.10
CA ASP B 117 12.33 -29.68 40.05
C ASP B 117 13.01 -29.83 38.69
N PHE B 118 12.71 -30.94 37.99
CA PHE B 118 13.29 -31.21 36.68
C PHE B 118 12.41 -30.73 35.54
N GLY B 119 11.35 -29.98 35.88
CA GLY B 119 10.38 -29.57 34.89
C GLY B 119 9.10 -30.36 35.03
N GLU B 120 9.05 -31.23 36.03
CA GLU B 120 7.83 -31.97 36.35
C GLU B 120 6.99 -31.24 37.39
N LYS B 121 7.61 -30.29 38.08
CA LYS B 121 6.90 -29.43 39.02
C LYS B 121 6.65 -28.05 38.40
N ALA B 122 7.52 -27.71 37.45
CA ALA B 122 7.52 -26.39 36.82
C ALA B 122 6.23 -26.01 36.09
N ILE B 123 5.91 -24.73 36.13
CA ILE B 123 4.71 -24.24 35.46
C ILE B 123 4.96 -24.34 33.96
N ALA B 124 3.99 -24.90 33.24
CA ALA B 124 4.10 -25.06 31.80
C ALA B 124 4.97 -26.28 31.49
N ARG B 125 5.39 -26.97 32.54
CA ARG B 125 6.22 -28.17 32.42
C ARG B 125 7.40 -27.93 31.47
N VAL B 126 8.03 -26.76 31.59
CA VAL B 126 9.15 -26.41 30.73
C VAL B 126 10.40 -27.18 31.12
N PRO B 127 11.12 -27.68 30.11
CA PRO B 127 12.40 -28.35 30.41
C PRO B 127 13.54 -27.34 30.55
N PRO B 128 14.35 -27.48 31.61
CA PRO B 128 15.49 -26.58 31.78
C PRO B 128 16.70 -27.03 30.95
N VAL B 129 16.68 -26.75 29.65
CA VAL B 129 17.74 -27.23 28.78
C VAL B 129 19.06 -26.51 29.11
N ASP B 130 18.96 -25.24 29.49
CA ASP B 130 20.15 -24.44 29.78
C ASP B 130 20.82 -24.84 31.10
N SER B 131 20.09 -25.50 31.98
CA SER B 131 20.64 -25.89 33.29
C SER B 131 21.86 -26.82 33.16
N CYS B 132 21.74 -27.80 32.28
CA CYS B 132 22.78 -28.77 32.01
C CYS B 132 23.98 -28.06 31.40
N TRP B 134 24.84 -24.80 31.84
CA TRP B 134 25.49 -23.98 32.84
C TRP B 134 26.30 -24.82 33.81
N TRP B 135 25.78 -25.98 34.15
CA TRP B 135 26.45 -26.91 35.05
C TRP B 135 27.84 -27.28 34.52
N ILE B 136 27.92 -27.63 33.23
CA ILE B 136 29.21 -27.91 32.63
C ILE B 136 30.11 -26.68 32.65
N LEU B 137 29.53 -25.53 32.32
CA LEU B 137 30.29 -24.29 32.24
C LEU B 137 30.78 -23.88 33.61
N LEU B 138 29.98 -24.17 34.62
CA LEU B 138 30.36 -23.88 35.99
C LEU B 138 31.44 -24.83 36.45
N LEU B 139 31.27 -26.11 36.14
CA LEU B 139 32.27 -27.13 36.46
C LEU B 139 33.65 -26.72 35.96
N ARG B 140 33.74 -26.26 34.71
CA ARG B 140 35.02 -25.80 34.19
C ARG B 140 35.50 -24.58 34.96
N ALA B 141 34.57 -23.69 35.29
CA ALA B 141 34.92 -22.45 35.97
C ALA B 141 35.43 -22.74 37.37
N TYR B 142 34.77 -23.67 38.04
CA TYR B 142 35.21 -24.12 39.36
C TYR B 142 36.63 -24.62 39.27
N GLU B 143 36.87 -25.47 38.27
CA GLU B 143 38.17 -26.06 38.03
C GLU B 143 39.26 -25.02 37.79
N LYS B 144 39.01 -24.10 36.88
CA LYS B 144 40.02 -23.12 36.51
C LYS B 144 40.35 -22.18 37.67
N ALA B 145 39.34 -21.77 38.41
CA ALA B 145 39.59 -20.91 39.53
C ALA B 145 40.31 -21.59 40.67
N THR B 146 39.78 -22.74 41.08
CA THR B 146 40.32 -23.56 42.16
C THR B 146 41.57 -24.35 41.87
N GLY B 147 41.68 -24.90 40.68
CA GLY B 147 42.80 -25.73 40.32
C GLY B 147 42.55 -27.14 40.79
N ASP B 148 41.38 -27.40 41.33
CA ASP B 148 41.01 -28.69 41.82
C ASP B 148 40.60 -29.46 40.60
N LEU B 149 41.41 -30.45 40.24
CA LEU B 149 41.15 -31.28 39.07
C LEU B 149 40.53 -32.63 39.37
N THR B 150 40.40 -32.97 40.66
CA THR B 150 39.92 -34.30 41.04
C THR B 150 38.42 -34.42 40.84
N LEU B 151 37.70 -33.32 41.02
CA LEU B 151 36.25 -33.34 41.00
C LEU B 151 35.68 -33.80 39.65
N ALA B 152 35.99 -33.04 38.60
CA ALA B 152 35.50 -33.36 37.26
C ALA B 152 35.95 -34.76 36.81
N ARG B 153 37.08 -35.22 37.33
CA ARG B 153 37.70 -36.48 36.90
C ARG B 153 37.31 -37.71 37.70
N GLU B 154 36.53 -37.52 38.76
CA GLU B 154 36.00 -38.65 39.52
C GLU B 154 35.06 -39.43 38.61
N PRO B 155 34.89 -40.73 38.87
CA PRO B 155 34.01 -41.56 38.03
C PRO B 155 32.58 -41.04 37.87
N LYS B 156 31.94 -40.58 38.95
CA LYS B 156 30.56 -40.07 38.88
C LYS B 156 30.42 -38.86 37.93
N PHE B 157 31.37 -37.94 38.01
CA PHE B 157 31.33 -36.72 37.23
C PHE B 157 31.59 -36.96 35.76
N GLN B 158 32.58 -37.80 35.45
CA GLN B 158 32.87 -38.15 34.06
C GLN B 158 31.63 -38.76 33.43
N ALA B 159 30.96 -39.62 34.20
CA ALA B 159 29.71 -40.23 33.76
C ALA B 159 28.63 -39.16 33.62
N GLY B 160 28.67 -38.16 34.50
CA GLY B 160 27.74 -37.04 34.45
C GLY B 160 27.85 -36.18 33.21
N ILE B 161 29.06 -35.76 32.86
CA ILE B 161 29.32 -34.99 31.64
C ILE B 161 28.85 -35.76 30.41
N LYS B 162 29.12 -37.05 30.40
CA LYS B 162 28.80 -37.91 29.26
C LYS B 162 27.30 -38.04 29.04
N LEU B 163 26.53 -38.22 30.11
CA LEU B 163 25.08 -38.27 29.98
C LEU B 163 24.50 -37.01 29.35
N ILE B 164 25.02 -35.86 29.76
CA ILE B 164 24.62 -34.58 29.18
C ILE B 164 24.95 -34.57 27.70
N LEU B 165 26.18 -34.94 27.38
CA LEU B 165 26.63 -34.97 25.99
C LEU B 165 25.80 -35.96 25.18
N ASP B 166 25.43 -37.08 25.79
CA ASP B 166 24.57 -38.06 25.13
C ASP B 166 23.28 -37.38 24.71
N LEU B 167 22.71 -36.57 25.60
CA LEU B 167 21.50 -35.80 25.34
C LEU B 167 21.67 -34.68 24.31
N CYS B 168 22.79 -33.96 24.40
CA CYS B 168 23.08 -32.85 23.50
C CYS B 168 23.39 -33.31 22.09
N LEU B 169 24.21 -34.36 21.97
CA LEU B 169 24.67 -34.84 20.67
C LEU B 169 23.76 -35.92 20.09
N ALA B 170 22.61 -36.15 20.71
CA ALA B 170 21.62 -37.09 20.18
C ALA B 170 21.25 -36.77 18.72
N HIS B 171 20.92 -37.80 17.95
CA HIS B 171 20.65 -37.68 16.53
C HIS B 171 19.32 -36.94 16.25
N ARG B 172 19.33 -36.08 15.25
CA ARG B 172 18.14 -35.29 14.90
C ARG B 172 17.64 -35.52 13.48
N PHE B 173 16.34 -35.30 13.28
CA PHE B 173 15.73 -35.42 11.94
C PHE B 173 16.00 -34.24 11.01
N SER B 174 16.65 -33.22 11.53
CA SER B 174 16.82 -31.93 10.85
C SER B 174 18.14 -31.81 10.06
N TYR B 176 20.19 -29.26 10.22
CA TYR B 176 21.10 -28.31 10.90
C TYR B 176 21.78 -28.83 12.16
N PRO B 177 22.94 -28.26 12.51
CA PRO B 177 23.65 -28.74 13.72
C PRO B 177 23.15 -28.11 15.02
N THR B 178 22.20 -27.20 14.93
CA THR B 178 21.63 -26.55 16.11
C THR B 178 20.81 -27.51 16.95
N LEU B 180 17.24 -28.44 18.83
CA LEU B 180 15.80 -28.23 18.81
C LEU B 180 15.19 -28.26 20.22
N VAL B 181 14.41 -27.23 20.57
CA VAL B 181 13.76 -27.17 21.89
C VAL B 181 12.30 -26.69 21.84
N PRO B 182 11.51 -27.05 22.85
CA PRO B 182 10.22 -26.36 22.98
C PRO B 182 10.37 -24.91 23.45
N ASP B 183 9.25 -24.19 23.55
CA ASP B 183 9.25 -22.79 23.97
C ASP B 183 9.59 -22.69 25.45
N GLY B 184 10.20 -21.58 25.86
CA GLY B 184 10.56 -21.37 27.26
C GLY B 184 11.57 -22.31 27.87
N ALA B 185 12.63 -22.63 27.11
CA ALA B 185 13.58 -23.66 27.53
C ALA B 185 14.91 -23.15 28.09
N PHE B 186 14.97 -21.87 28.43
CA PHE B 186 16.19 -21.30 29.01
C PHE B 186 15.86 -20.23 30.06
N ILE B 188 14.57 -17.43 29.76
CA ILE B 188 13.19 -17.18 29.42
C ILE B 188 12.49 -18.53 29.56
N ASP B 189 11.79 -18.73 30.67
CA ASP B 189 11.13 -20.01 30.96
C ASP B 189 9.62 -20.00 30.73
N ARG B 190 9.15 -19.02 29.98
CA ARG B 190 7.73 -18.93 29.68
C ARG B 190 7.59 -18.88 28.17
N ARG B 191 6.38 -19.09 27.65
CA ARG B 191 6.18 -19.09 26.21
C ARG B 191 6.48 -17.69 25.71
N GLY B 193 7.82 -17.33 22.07
CA GLY B 193 8.21 -17.46 20.68
C GLY B 193 9.69 -17.79 20.57
N VAL B 194 10.24 -18.39 21.62
CA VAL B 194 11.64 -18.78 21.60
C VAL B 194 11.80 -20.30 21.41
N TYR B 195 10.77 -20.94 20.88
CA TYR B 195 10.81 -22.38 20.53
C TYR B 195 11.75 -22.64 19.35
N GLU B 196 12.01 -23.91 19.04
CA GLU B 196 12.85 -24.33 17.90
C GLU B 196 14.35 -24.16 18.12
N HIS B 197 14.95 -23.09 17.57
CA HIS B 197 16.40 -22.95 17.61
C HIS B 197 16.88 -21.61 18.17
N PRO B 198 16.46 -21.26 19.41
CA PRO B 198 16.81 -19.98 20.04
C PRO B 198 18.30 -19.79 20.20
N LEU B 199 18.80 -18.61 19.85
CA LEU B 199 20.21 -18.27 20.02
C LEU B 199 20.80 -18.71 21.38
N GLU B 200 20.12 -18.38 22.47
CA GLU B 200 20.67 -18.66 23.79
C GLU B 200 21.03 -20.13 24.00
N ILE B 201 20.15 -21.02 23.55
CA ILE B 201 20.41 -22.45 23.67
C ILE B 201 21.62 -22.85 22.81
N GLN B 202 21.64 -22.36 21.57
CA GLN B 202 22.74 -22.66 20.65
C GLN B 202 24.08 -22.17 21.20
N VAL B 203 24.12 -20.95 21.72
CA VAL B 203 25.34 -20.39 22.24
C VAL B 203 25.83 -21.15 23.48
N LEU B 204 24.91 -21.46 24.39
CA LEU B 204 25.29 -22.19 25.59
C LEU B 204 25.74 -23.60 25.25
N PHE B 205 25.02 -24.21 24.31
CA PHE B 205 25.37 -25.50 23.73
C PHE B 205 26.83 -25.46 23.25
N TYR B 206 27.15 -24.48 22.40
CA TYR B 206 28.52 -24.28 21.93
C TYR B 206 29.54 -24.08 23.06
N ALA B 207 29.23 -23.18 23.98
CA ALA B 207 30.12 -22.91 25.11
C ALA B 207 30.36 -24.15 25.97
N ALA B 208 29.31 -24.92 26.20
CA ALA B 208 29.41 -26.12 27.02
C ALA B 208 30.21 -27.21 26.30
N LEU B 209 30.11 -27.27 24.98
CA LEU B 209 30.90 -28.23 24.22
C LEU B 209 32.37 -27.92 24.40
N ARG B 210 32.74 -26.65 24.20
CA ARG B 210 34.09 -26.18 24.44
C ARG B 210 34.60 -26.53 25.84
N ALA B 211 33.77 -26.31 26.85
CA ALA B 211 34.17 -26.60 28.23
C ALA B 211 34.43 -28.09 28.46
N ALA B 212 33.64 -28.94 27.80
CA ALA B 212 33.76 -30.38 27.97
C ALA B 212 35.06 -30.94 27.38
N ARG B 213 35.58 -30.28 26.34
CA ARG B 213 36.86 -30.68 25.74
C ARG B 213 37.91 -30.96 26.81
N GLU B 214 38.07 -30.04 27.74
CA GLU B 214 39.09 -30.18 28.78
C GLU B 214 38.66 -31.08 29.95
N LEU B 215 37.37 -31.29 30.11
CA LEU B 215 36.89 -32.07 31.25
C LEU B 215 37.00 -33.57 31.01
N LEU B 216 36.95 -33.98 29.75
CA LEU B 216 37.00 -35.40 29.40
C LEU B 216 38.42 -35.96 29.51
N LEU B 217 38.52 -37.15 30.10
CA LEU B 217 39.79 -37.86 30.19
C LEU B 217 40.13 -38.43 28.82
N PRO B 218 41.40 -38.25 28.40
CA PRO B 218 41.83 -38.68 27.06
C PRO B 218 42.07 -40.17 26.94
N ASP B 219 41.14 -40.96 27.46
CA ASP B 219 41.16 -42.42 27.31
C ASP B 219 40.42 -42.75 26.03
N GLY B 220 40.43 -44.03 25.66
CA GLY B 220 39.76 -44.50 24.47
C GLY B 220 38.33 -43.99 24.34
N ASP B 221 37.54 -44.12 25.41
CA ASP B 221 36.14 -43.69 25.40
C ASP B 221 35.98 -42.18 25.31
N GLY B 222 36.70 -41.45 26.16
CA GLY B 222 36.62 -40.00 26.18
C GLY B 222 37.03 -39.40 24.84
N GLU B 223 38.00 -40.04 24.21
CA GLU B 223 38.48 -39.62 22.89
C GLU B 223 37.38 -39.73 21.82
N GLN B 224 36.45 -40.67 22.03
CA GLN B 224 35.31 -40.83 21.12
C GLN B 224 34.35 -39.65 21.28
N TYR B 225 33.97 -39.37 22.52
CA TYR B 225 33.17 -38.21 22.83
C TYR B 225 33.84 -36.96 22.29
N LEU B 226 35.11 -36.79 22.63
CA LEU B 226 35.90 -35.65 22.21
C LEU B 226 35.86 -35.42 20.70
N ASN B 227 35.89 -36.50 19.92
CA ASN B 227 35.76 -36.40 18.47
C ASN B 227 34.36 -35.97 18.03
N LYS B 228 33.33 -36.51 18.67
CA LYS B 228 31.97 -36.09 18.40
C LYS B 228 31.82 -34.60 18.72
N VAL B 229 32.43 -34.19 19.83
CA VAL B 229 32.40 -32.80 20.27
C VAL B 229 33.09 -31.88 19.28
N HIS B 230 34.29 -32.25 18.85
CA HIS B 230 35.05 -31.41 17.92
C HIS B 230 34.27 -31.21 16.62
N GLY B 231 33.61 -32.26 16.16
CA GLY B 231 32.84 -32.22 14.94
C GLY B 231 31.67 -31.24 15.01
N ARG B 232 30.93 -31.33 16.10
CA ARG B 232 29.76 -30.48 16.27
C ARG B 232 30.13 -29.01 16.42
N LEU B 233 31.18 -28.73 17.20
CA LEU B 233 31.66 -27.36 17.40
C LEU B 233 31.89 -26.63 16.09
N GLY B 234 32.63 -27.26 15.18
CA GLY B 234 32.93 -26.67 13.89
C GLY B 234 31.71 -26.43 13.02
N ALA B 235 30.77 -27.37 13.07
CA ALA B 235 29.54 -27.26 12.30
C ALA B 235 28.65 -26.19 12.88
N LEU B 236 28.57 -26.16 14.21
CA LEU B 236 27.71 -25.25 14.93
C LEU B 236 28.18 -23.81 14.79
N GLN B 237 29.48 -23.61 14.93
CA GLN B 237 30.07 -22.31 14.70
C GLN B 237 29.79 -21.82 13.29
N TYR B 238 29.98 -22.71 12.31
CA TYR B 238 29.75 -22.33 10.92
C TYR B 238 28.31 -21.92 10.66
N HIS B 239 27.36 -22.72 11.15
CA HIS B 239 25.94 -22.48 10.99
C HIS B 239 25.49 -21.12 11.54
N ILE B 240 25.83 -20.88 12.80
CA ILE B 240 25.42 -19.65 13.47
C ILE B 240 26.05 -18.43 12.84
N ARG B 241 27.37 -18.44 12.68
CA ARG B 241 28.08 -17.32 12.09
C ARG B 241 27.54 -16.97 10.69
N ASN B 242 27.20 -17.98 9.90
CA ASN B 242 26.75 -17.72 8.53
C ASN B 242 25.27 -17.37 8.38
N TYR B 243 24.42 -17.98 9.21
CA TYR B 243 22.98 -17.80 9.05
C TYR B 243 22.29 -16.90 10.10
N TYR B 244 22.77 -16.94 11.34
CA TYR B 244 22.17 -16.09 12.38
C TYR B 244 22.70 -14.66 12.33
N TRP B 245 23.87 -14.46 11.73
CA TRP B 245 24.49 -13.15 11.79
C TRP B 245 23.68 -12.12 11.01
N VAL B 246 23.39 -10.99 11.66
CA VAL B 246 22.63 -9.92 11.02
C VAL B 246 23.41 -8.63 11.00
N ASP B 247 23.40 -7.96 9.85
CA ASP B 247 23.84 -6.57 9.70
C ASP B 247 23.27 -6.03 8.39
N LEU B 248 23.49 -4.76 8.11
CA LEU B 248 22.92 -4.11 6.92
C LEU B 248 23.29 -4.82 5.64
N LYS B 249 24.57 -5.12 5.46
CA LYS B 249 25.06 -5.83 4.29
C LYS B 249 24.28 -7.12 4.04
N ARG B 250 24.08 -7.88 5.11
CA ARG B 250 23.34 -9.13 5.08
C ARG B 250 21.84 -8.94 4.87
N LEU B 251 21.32 -7.90 5.50
CA LEU B 251 19.91 -7.61 5.49
C LEU B 251 19.43 -7.24 4.09
N ARG B 252 20.32 -6.62 3.33
CA ARG B 252 20.03 -6.29 1.94
C ARG B 252 19.94 -7.54 1.08
N GLU B 253 20.83 -8.49 1.34
CA GLU B 253 20.83 -9.75 0.61
C GLU B 253 19.51 -10.50 0.82
N ILE B 254 19.10 -10.63 2.09
CA ILE B 254 17.88 -11.35 2.41
C ILE B 254 16.65 -10.68 1.80
N TYR B 255 16.55 -9.36 1.95
CA TYR B 255 15.45 -8.57 1.41
C TYR B 255 15.27 -8.79 -0.10
N ARG B 256 16.36 -9.01 -0.80
CA ARG B 256 16.29 -9.26 -2.24
C ARG B 256 16.04 -10.71 -2.66
N TYR B 257 16.12 -11.64 -1.70
CA TYR B 257 15.84 -13.06 -1.95
C TYR B 257 14.50 -13.29 -2.66
N LYS B 258 14.48 -14.22 -3.61
CA LYS B 258 13.23 -14.72 -4.15
C LYS B 258 12.69 -15.85 -3.27
N GLY B 259 11.37 -16.02 -3.24
CA GLY B 259 10.76 -17.06 -2.41
C GLY B 259 10.59 -18.41 -3.07
N ASN B 260 10.38 -19.44 -2.24
CA ASN B 260 10.09 -20.81 -2.70
C ASN B 260 11.16 -21.44 -3.59
N GLU B 261 12.42 -21.14 -3.32
CA GLU B 261 13.52 -21.74 -4.07
C GLU B 261 13.79 -23.18 -3.66
N PHE B 262 13.64 -24.10 -4.60
CA PHE B 262 13.88 -25.51 -4.35
C PHE B 262 15.15 -25.98 -5.08
N GLY B 263 16.15 -26.38 -4.31
CA GLY B 263 17.43 -26.86 -4.84
C GLY B 263 18.52 -26.90 -3.79
N LYS B 264 19.57 -27.67 -4.06
CA LYS B 264 20.67 -27.85 -3.10
C LYS B 264 21.52 -26.61 -2.89
N GLU B 265 21.79 -25.87 -3.97
CA GLU B 265 22.65 -24.69 -3.88
C GLU B 265 21.84 -23.42 -4.10
N ILE B 266 21.36 -22.84 -3.00
CA ILE B 266 20.55 -21.62 -3.06
C ILE B 266 20.87 -20.71 -1.88
N ALA B 267 20.52 -19.43 -2.02
CA ALA B 267 20.77 -18.46 -0.96
C ALA B 267 19.73 -18.52 0.15
N ASN B 268 18.46 -18.40 -0.23
CA ASN B 268 17.36 -18.45 0.71
C ASN B 268 16.95 -19.90 0.95
N LYS B 269 17.77 -20.59 1.72
CA LYS B 269 17.55 -21.98 2.08
C LYS B 269 16.38 -22.20 3.02
N PHE B 270 16.18 -21.26 3.94
CA PHE B 270 15.17 -21.38 4.98
C PHE B 270 13.88 -20.68 4.60
N ASN B 271 13.77 -20.30 3.34
CA ASN B 271 12.56 -19.71 2.76
C ASN B 271 12.08 -18.45 3.53
N ILE B 272 12.97 -17.48 3.66
CA ILE B 272 12.63 -16.24 4.34
C ILE B 272 12.06 -15.20 3.38
N PHE B 273 10.74 -15.01 3.44
CA PHE B 273 10.06 -13.98 2.65
C PHE B 273 10.40 -12.59 3.15
N SER B 274 10.89 -11.75 2.25
CA SER B 274 11.40 -10.43 2.63
C SER B 274 10.32 -9.51 3.18
N GLN B 275 9.07 -9.79 2.85
CA GLN B 275 7.96 -9.03 3.43
C GLN B 275 7.72 -9.39 4.89
N SER B 276 8.52 -10.31 5.42
CA SER B 276 8.47 -10.66 6.84
C SER B 276 9.56 -9.96 7.63
N ILE B 277 10.58 -9.44 6.95
CA ILE B 277 11.58 -8.64 7.64
C ILE B 277 10.88 -7.39 8.12
N PRO B 278 10.91 -7.15 9.44
CA PRO B 278 10.17 -6.04 10.06
C PRO B 278 10.80 -4.68 9.79
N ASP B 279 9.97 -3.64 9.89
CA ASP B 279 10.40 -2.26 9.64
C ASP B 279 11.43 -1.79 10.64
N TRP B 280 11.27 -2.22 11.89
CA TRP B 280 12.10 -1.70 12.96
C TRP B 280 13.59 -1.96 12.77
N VAL B 281 13.91 -3.13 12.22
CA VAL B 281 15.29 -3.55 12.04
C VAL B 281 16.08 -2.60 11.14
N ILE B 282 15.45 -2.21 10.02
CA ILE B 282 16.13 -1.44 9.00
C ILE B 282 16.63 -0.10 9.53
N GLU B 283 15.80 0.56 10.33
CA GLU B 283 16.20 1.80 10.98
C GLU B 283 17.08 1.56 12.21
N TRP B 284 16.86 0.44 12.89
CA TRP B 284 17.53 0.20 14.16
C TRP B 284 19.05 -0.02 14.01
N LEU B 285 19.45 -0.75 12.97
CA LEU B 285 20.86 -1.10 12.80
C LEU B 285 21.71 0.09 12.35
N PRO B 286 22.85 0.30 13.02
CA PRO B 286 23.84 1.26 12.52
C PRO B 286 24.68 0.70 11.37
N GLU B 287 25.37 1.57 10.64
CA GLU B 287 26.23 1.13 9.56
C GLU B 287 27.31 0.17 10.05
N LYS B 288 27.88 0.46 11.22
CA LYS B 288 28.97 -0.33 11.79
C LYS B 288 28.48 -1.34 12.82
N GLY B 289 27.17 -1.54 12.89
CA GLY B 289 26.59 -2.45 13.87
C GLY B 289 26.08 -3.75 13.31
N GLY B 290 25.98 -4.74 14.19
CA GLY B 290 25.49 -6.06 13.81
C GLY B 290 25.20 -6.91 15.05
N TYR B 291 24.48 -8.00 14.87
CA TYR B 291 24.18 -8.93 15.97
C TYR B 291 23.78 -10.30 15.43
N LEU B 292 23.72 -11.29 16.32
CA LEU B 292 23.23 -12.61 15.96
C LEU B 292 21.72 -12.70 16.20
N ALA B 293 21.01 -13.24 15.22
CA ALA B 293 19.56 -13.27 15.27
C ALA B 293 19.02 -14.16 16.39
N GLY B 294 17.77 -13.94 16.76
CA GLY B 294 17.17 -14.60 17.90
C GLY B 294 16.86 -16.06 17.64
N ASN B 295 16.53 -16.36 16.40
CA ASN B 295 16.10 -17.71 16.06
C ASN B 295 16.12 -17.98 14.57
N LEU B 296 16.17 -19.26 14.22
CA LEU B 296 16.17 -19.69 12.83
C LEU B 296 15.46 -21.05 12.72
N GLY B 297 14.62 -21.20 11.71
CA GLY B 297 13.83 -22.40 11.52
C GLY B 297 13.16 -22.31 10.17
N PRO B 298 12.40 -23.35 9.78
CA PRO B 298 11.77 -23.33 8.46
C PRO B 298 10.86 -22.13 8.29
N GLY B 299 11.02 -21.39 7.21
CA GLY B 299 10.20 -20.22 6.93
C GLY B 299 10.22 -19.13 8.01
N ARG B 300 11.27 -19.12 8.81
CA ARG B 300 11.31 -18.25 9.99
C ARG B 300 12.69 -17.75 10.37
N ASP B 302 13.89 -14.98 13.39
CA ASP B 302 13.55 -14.06 14.47
C ASP B 302 14.63 -12.98 14.57
N PHE B 303 14.26 -11.76 14.20
CA PHE B 303 15.22 -10.65 14.16
C PHE B 303 15.39 -9.95 15.52
N ARG B 304 14.65 -10.39 16.52
CA ARG B 304 14.81 -9.81 17.85
C ARG B 304 16.25 -9.94 18.34
N PHE B 305 16.74 -8.88 18.98
CA PHE B 305 18.05 -8.93 19.60
C PHE B 305 17.93 -9.55 20.98
N PHE B 306 18.59 -10.67 21.22
CA PHE B 306 18.60 -11.29 22.56
C PHE B 306 19.95 -11.10 23.24
N ALA B 307 19.95 -10.45 24.40
CA ALA B 307 21.19 -10.00 25.04
C ALA B 307 22.13 -11.14 25.47
N LEU B 308 21.64 -12.08 26.27
CA LEU B 308 22.49 -13.13 26.80
C LEU B 308 23.18 -13.93 25.70
N GLY B 309 22.41 -14.38 24.73
CA GLY B 309 22.95 -15.11 23.61
C GLY B 309 24.07 -14.36 22.92
N ASN B 310 23.83 -13.10 22.60
CA ASN B 310 24.85 -12.30 21.92
C ASN B 310 26.10 -12.07 22.75
N LEU B 311 25.95 -11.77 24.04
CA LEU B 311 27.11 -11.53 24.88
C LEU B 311 27.90 -12.83 25.11
N ALA B 313 28.01 -15.14 23.13
CA ALA B 313 28.64 -15.40 21.84
C ALA B 313 30.03 -14.76 21.77
N ILE B 314 30.14 -13.54 22.31
CA ILE B 314 31.42 -12.86 22.42
C ILE B 314 32.35 -13.65 23.36
N LEU B 315 31.89 -13.85 24.59
CA LEU B 315 32.67 -14.55 25.62
C LEU B 315 33.18 -15.92 25.18
N ALA B 316 32.29 -16.74 24.63
CA ALA B 316 32.67 -18.10 24.26
C ALA B 316 33.42 -18.16 22.94
N GLY B 317 33.67 -17.01 22.33
CA GLY B 317 34.43 -16.95 21.10
C GLY B 317 33.67 -17.44 19.90
N LEU B 318 32.37 -17.63 20.07
CA LEU B 318 31.52 -18.08 18.99
C LEU B 318 31.44 -17.03 17.89
N ALA B 319 31.21 -15.78 18.26
CA ALA B 319 31.30 -14.70 17.29
C ALA B 319 32.77 -14.37 17.05
N SER B 320 33.10 -13.96 15.83
CA SER B 320 34.47 -13.60 15.49
C SER B 320 34.85 -12.29 16.18
N GLU B 321 36.08 -11.85 15.95
CA GLU B 321 36.53 -10.56 16.50
C GLU B 321 35.76 -9.38 15.95
N GLU B 322 35.64 -9.31 14.62
CA GLU B 322 34.92 -8.20 14.02
C GLU B 322 33.46 -8.20 14.49
N GLU B 323 32.87 -9.40 14.51
CA GLU B 323 31.47 -9.55 14.91
C GLU B 323 31.25 -9.13 16.35
N SER B 324 32.12 -9.58 17.25
CA SER B 324 32.09 -9.13 18.63
C SER B 324 32.18 -7.61 18.72
N GLN B 325 33.06 -7.03 17.94
CA GLN B 325 33.19 -5.58 17.90
C GLN B 325 31.91 -4.91 17.43
N ARG B 326 31.30 -5.46 16.39
CA ARG B 326 30.10 -4.88 15.81
C ARG B 326 28.89 -4.96 16.76
N ILE B 327 28.88 -5.97 17.63
CA ILE B 327 27.84 -6.10 18.65
C ILE B 327 27.94 -4.97 19.68
N ASN B 329 29.32 -2.19 19.14
CA ASN B 329 28.94 -0.99 18.39
C ASN B 329 27.43 -0.74 18.45
N LEU B 330 26.67 -1.83 18.46
CA LEU B 330 25.21 -1.77 18.53
C LEU B 330 24.74 -1.34 19.93
N PHE B 331 25.39 -1.86 20.96
CA PHE B 331 25.14 -1.39 22.31
C PHE B 331 25.44 0.12 22.40
N ALA B 332 26.52 0.55 21.76
CA ALA B 332 26.92 1.95 21.80
C ALA B 332 25.98 2.92 21.07
N HIS B 333 25.52 2.49 19.90
CA HIS B 333 24.58 3.24 19.06
C HIS B 333 23.16 3.24 19.64
N ARG B 334 22.73 2.12 20.23
CA ARG B 334 21.36 1.98 20.77
C ARG B 334 21.34 1.81 22.28
N TRP B 335 22.26 2.48 22.94
CA TRP B 335 22.46 2.38 24.38
C TRP B 335 21.17 2.49 25.15
N GLU B 336 20.34 3.47 24.77
CA GLU B 336 19.09 3.74 25.45
C GLU B 336 18.11 2.57 25.33
N ASP B 337 18.11 1.91 24.17
CA ASP B 337 17.26 0.74 23.94
C ASP B 337 17.74 -0.48 24.70
N LEU B 338 19.05 -0.69 24.73
CA LEU B 338 19.58 -1.95 25.24
C LEU B 338 20.10 -1.84 26.66
N ILE B 339 20.38 -0.62 27.10
CA ILE B 339 20.78 -0.40 28.49
C ILE B 339 19.81 0.51 29.21
N GLY B 340 19.70 1.74 28.71
CA GLY B 340 18.80 2.74 29.25
C GLY B 340 19.03 2.97 30.73
N TYR B 341 17.93 3.05 31.47
CA TYR B 341 17.93 3.24 32.93
C TYR B 341 18.53 2.03 33.65
N PRO B 343 20.68 -1.82 33.09
CA PRO B 343 21.14 -2.89 32.20
C PRO B 343 20.75 -4.25 32.76
N VAL B 344 20.49 -5.22 31.91
CA VAL B 344 20.51 -5.07 30.45
C VAL B 344 19.16 -5.48 29.91
N LYS B 345 18.73 -4.84 28.82
CA LYS B 345 17.51 -5.28 28.13
C LYS B 345 17.65 -6.73 27.68
N ILE B 346 16.71 -7.58 28.10
CA ILE B 346 16.78 -9.01 27.81
C ILE B 346 16.59 -9.32 26.32
N CYS B 347 15.61 -8.67 25.69
CA CYS B 347 15.50 -8.75 24.24
C CYS B 347 14.74 -7.54 23.74
N TYR B 348 14.96 -7.22 22.47
CA TYR B 348 14.42 -6.03 21.83
C TYR B 348 13.96 -6.39 20.43
N PRO B 349 12.77 -5.92 20.02
CA PRO B 349 11.82 -5.15 20.83
C PRO B 349 10.78 -6.03 21.52
N ALA B 350 9.89 -5.40 22.28
CA ALA B 350 8.78 -6.09 22.90
C ALA B 350 7.77 -6.57 21.86
N LEU B 351 7.14 -7.71 22.12
CA LEU B 351 5.96 -8.10 21.37
C LEU B 351 4.76 -7.28 21.85
N GLN B 352 3.96 -6.75 20.93
CA GLN B 352 2.84 -5.89 21.28
C GLN B 352 1.51 -6.30 20.66
N GLY B 353 0.42 -5.81 21.27
CA GLY B 353 -0.92 -6.03 20.74
C GLY B 353 -1.24 -7.48 20.47
N LEU B 354 -1.76 -7.74 19.27
CA LEU B 354 -2.16 -9.10 18.91
C LEU B 354 -0.99 -10.07 18.86
N GLU B 355 0.19 -9.54 18.56
CA GLU B 355 1.40 -10.36 18.52
C GLU B 355 1.73 -10.93 19.89
N TRP B 356 1.57 -10.10 20.93
CA TRP B 356 1.71 -10.57 22.28
C TRP B 356 0.72 -11.70 22.56
N GLN B 357 -0.51 -11.57 22.07
CA GLN B 357 -1.57 -12.56 22.33
C GLN B 357 -1.31 -13.90 21.66
N ILE B 358 -0.92 -13.88 20.40
CA ILE B 358 -0.66 -15.10 19.65
C ILE B 358 0.55 -15.86 20.18
N VAL B 359 1.67 -15.15 20.28
CA VAL B 359 2.95 -15.74 20.62
C VAL B 359 3.05 -16.21 22.08
N THR B 360 2.58 -15.40 23.03
CA THR B 360 2.73 -15.78 24.43
C THR B 360 1.48 -16.43 25.03
N GLY B 361 0.43 -16.52 24.22
CA GLY B 361 -0.85 -17.01 24.70
C GLY B 361 -1.49 -16.09 25.72
N CYS B 362 -1.40 -14.78 25.48
CA CYS B 362 -1.97 -13.77 26.38
C CYS B 362 -1.41 -13.92 27.80
N ASP B 363 -0.11 -14.17 27.92
CA ASP B 363 0.54 -14.38 29.23
C ASP B 363 0.66 -13.05 29.97
N PRO B 364 -0.06 -12.90 31.09
CA PRO B 364 -0.09 -11.58 31.74
C PRO B 364 1.22 -11.20 32.40
N LYS B 365 2.11 -12.14 32.65
CA LYS B 365 3.39 -11.78 33.24
C LYS B 365 4.35 -11.20 32.20
N ASN B 366 4.07 -11.48 30.93
CA ASN B 366 4.94 -11.02 29.86
C ASN B 366 4.33 -9.95 28.94
N ILE B 367 3.65 -8.97 29.54
CA ILE B 367 3.01 -7.87 28.81
C ILE B 367 4.15 -7.05 28.18
N PRO B 368 3.84 -6.22 27.16
CA PRO B 368 4.93 -5.50 26.48
C PRO B 368 5.85 -4.69 27.38
N TRP B 369 7.16 -4.85 27.17
CA TRP B 369 8.19 -4.13 27.93
C TRP B 369 8.29 -4.59 29.37
N SER B 370 7.82 -5.80 29.64
CA SER B 370 7.85 -6.35 30.99
C SER B 370 8.41 -7.78 31.05
N TYR B 371 9.19 -8.07 32.09
CA TYR B 371 9.73 -9.42 32.28
C TYR B 371 10.55 -9.87 31.08
N HIS B 372 10.23 -11.05 30.56
CA HIS B 372 10.91 -11.62 29.41
C HIS B 372 10.71 -10.78 28.18
N ASN B 373 9.51 -10.22 28.07
CA ASN B 373 9.14 -9.42 26.91
C ASN B 373 9.61 -7.97 26.95
N GLY B 374 10.90 -7.77 26.80
CA GLY B 374 11.45 -6.43 26.75
C GLY B 374 11.81 -5.81 28.08
N GLY B 375 11.92 -6.63 29.13
CA GLY B 375 12.31 -6.13 30.43
C GLY B 375 13.81 -5.92 30.52
N ASN B 376 14.26 -5.19 31.53
CA ASN B 376 15.69 -5.02 31.78
C ASN B 376 16.09 -5.81 33.01
N TRP B 377 17.08 -6.68 32.86
CA TRP B 377 17.45 -7.62 33.92
C TRP B 377 18.86 -7.28 34.39
N PRO B 378 18.98 -6.89 35.67
CA PRO B 378 20.25 -6.54 36.33
C PRO B 378 21.32 -7.61 36.19
N VAL B 379 20.93 -8.88 36.30
CA VAL B 379 21.91 -9.97 36.30
C VAL B 379 22.76 -9.96 35.03
N LEU B 380 22.17 -9.62 33.89
CA LEU B 380 22.91 -9.64 32.64
C LEU B 380 24.10 -8.68 32.61
N LEU B 381 24.16 -7.75 33.57
CA LEU B 381 25.31 -6.86 33.67
C LEU B 381 26.66 -7.59 33.75
N TRP B 382 26.71 -8.72 34.47
CA TRP B 382 27.99 -9.41 34.61
C TRP B 382 28.49 -9.96 33.28
N LEU B 383 27.59 -10.45 32.43
CA LEU B 383 27.95 -10.86 31.08
C LEU B 383 28.33 -9.65 30.21
N PHE B 384 27.54 -8.59 30.33
CA PHE B 384 27.86 -7.37 29.61
C PHE B 384 29.26 -6.86 29.93
N THR B 385 29.58 -6.85 31.23
CA THR B 385 30.88 -6.36 31.70
C THR B 385 32.01 -7.24 31.15
N ALA B 386 31.90 -8.55 31.35
CA ALA B 386 32.85 -9.50 30.78
C ALA B 386 33.08 -9.27 29.28
N ALA B 387 31.98 -9.18 28.51
CA ALA B 387 32.07 -9.02 27.07
C ALA B 387 32.69 -7.68 26.67
N ALA B 388 32.33 -6.63 27.42
CA ALA B 388 32.90 -5.29 27.19
C ALA B 388 34.41 -5.31 27.37
N LEU B 389 34.84 -5.93 28.46
CA LEU B 389 36.26 -6.09 28.76
C LEU B 389 37.01 -6.83 27.66
N LYS B 390 36.49 -7.99 27.28
CA LYS B 390 37.08 -8.82 26.24
C LYS B 390 37.22 -8.07 24.91
N THR B 391 36.28 -7.18 24.62
CA THR B 391 36.28 -6.43 23.37
C THR B 391 36.98 -5.08 23.50
N GLY B 392 37.62 -4.85 24.65
CA GLY B 392 38.32 -3.61 24.91
C GLY B 392 37.45 -2.36 24.94
N LYS B 393 36.27 -2.49 25.52
CA LYS B 393 35.34 -1.37 25.63
C LYS B 393 35.00 -1.26 27.10
N VAL B 394 35.98 -0.83 27.88
CA VAL B 394 35.84 -0.73 29.32
C VAL B 394 34.94 0.43 29.70
N GLU B 395 35.04 1.51 28.95
CA GLU B 395 34.22 2.69 29.20
C GLU B 395 32.73 2.35 29.21
N LEU B 396 32.31 1.43 28.33
CA LEU B 396 30.92 1.02 28.32
C LEU B 396 30.57 0.23 29.60
N ALA B 397 31.50 -0.60 30.04
CA ALA B 397 31.33 -1.34 31.30
C ALA B 397 31.24 -0.41 32.52
N HIS B 398 32.07 0.63 32.57
CA HIS B 398 32.02 1.58 33.68
C HIS B 398 30.67 2.30 33.72
N GLU B 399 30.22 2.74 32.56
CA GLU B 399 28.95 3.44 32.49
C GLU B 399 27.79 2.52 32.79
N ALA B 400 27.86 1.29 32.28
CA ALA B 400 26.83 0.31 32.57
C ALA B 400 26.75 0.06 34.07
N ILE B 401 27.90 -0.16 34.70
CA ILE B 401 27.97 -0.42 36.14
C ILE B 401 27.48 0.79 36.94
N ALA B 402 27.96 1.97 36.57
CA ALA B 402 27.56 3.20 37.23
C ALA B 402 26.04 3.30 37.32
N ILE B 403 25.37 3.16 36.18
CA ILE B 403 23.91 3.21 36.08
C ILE B 403 23.21 2.25 37.06
N ALA B 404 23.61 0.97 37.04
CA ALA B 404 23.01 -0.04 37.91
C ALA B 404 23.25 0.27 39.38
N GLU B 405 24.46 0.73 39.67
CA GLU B 405 24.89 1.03 41.03
C GLU B 405 24.05 2.16 41.62
N GLY B 406 23.71 3.13 40.76
CA GLY B 406 22.90 4.25 41.17
C GLY B 406 21.49 3.91 41.63
N ARG B 407 20.98 2.74 41.26
CA ARG B 407 19.60 2.38 41.58
C ARG B 407 19.40 1.11 42.43
N LEU B 408 20.15 0.07 42.14
CA LEU B 408 19.88 -1.26 42.70
C LEU B 408 19.75 -1.30 44.22
N SER B 409 20.68 -0.68 44.92
CA SER B 409 20.63 -0.68 46.37
C SER B 409 19.36 0.01 46.88
N ASN B 410 19.13 1.26 46.44
CA ASN B 410 17.92 2.00 46.80
C ASN B 410 16.63 1.29 46.42
N ASP B 411 16.66 0.54 45.32
CA ASP B 411 15.48 -0.19 44.90
C ASP B 411 15.40 -1.56 45.54
N LYS B 412 16.40 -1.89 46.34
CA LYS B 412 16.49 -3.18 47.04
C LYS B 412 16.74 -4.35 46.10
N PHE B 413 17.50 -4.10 45.04
CA PHE B 413 17.88 -5.11 44.05
C PHE B 413 16.73 -5.89 43.39
N PRO B 414 15.85 -5.19 42.67
CA PRO B 414 14.71 -5.86 42.03
C PRO B 414 15.11 -6.91 40.99
N GLU B 415 14.35 -8.01 40.94
CA GLU B 415 14.55 -9.09 39.98
C GLU B 415 14.65 -8.63 38.53
N TYR B 416 13.83 -7.65 38.15
CA TYR B 416 13.86 -7.05 36.81
C TYR B 416 13.24 -5.66 36.81
N TYR B 417 13.47 -4.92 35.72
CA TYR B 417 12.86 -3.60 35.50
C TYR B 417 12.00 -3.66 34.25
N ASP B 418 11.07 -2.71 34.10
CA ASP B 418 10.10 -2.71 33.00
C ASP B 418 10.08 -1.41 32.22
N GLY B 419 9.41 -1.42 31.08
CA GLY B 419 9.31 -0.24 30.25
C GLY B 419 10.35 -0.20 29.15
N ASN B 420 10.19 0.72 28.22
CA ASN B 420 11.10 0.81 27.09
C ASN B 420 12.54 0.98 27.49
N ASN B 421 12.76 1.77 28.54
CA ASN B 421 14.12 2.01 29.01
C ASN B 421 14.41 1.51 30.43
N GLY B 422 13.53 0.69 30.98
CA GLY B 422 13.69 0.20 32.33
C GLY B 422 13.42 1.17 33.47
N ARG B 423 12.67 2.23 33.18
CA ARG B 423 12.31 3.24 34.19
C ARG B 423 11.54 2.63 35.35
N LEU B 424 10.63 1.72 35.04
CA LEU B 424 9.79 1.10 36.05
C LEU B 424 10.50 -0.08 36.71
N ILE B 425 10.28 -0.26 38.00
CA ILE B 425 10.67 -1.49 38.65
C ILE B 425 9.69 -2.53 38.14
N GLY B 426 10.19 -3.71 37.82
CA GLY B 426 9.39 -4.76 37.23
C GLY B 426 8.07 -4.98 37.94
N LYS B 427 7.01 -5.09 37.14
CA LYS B 427 5.63 -5.24 37.63
C LYS B 427 5.47 -6.25 38.77
N GLU B 428 6.01 -7.44 38.59
CA GLU B 428 5.93 -8.48 39.62
C GLU B 428 7.31 -8.90 40.11
N ALA B 429 8.29 -8.02 39.98
CA ALA B 429 9.66 -8.35 40.33
C ALA B 429 9.84 -8.59 41.81
N ARG B 430 10.58 -9.64 42.14
CA ARG B 430 10.91 -9.91 43.53
C ARG B 430 12.06 -8.99 43.93
N ILE B 431 12.09 -8.59 45.19
CA ILE B 431 13.18 -7.78 45.67
C ILE B 431 14.18 -8.67 46.39
N TYR B 432 15.41 -8.19 46.53
CA TYR B 432 16.53 -8.98 47.03
C TYR B 432 16.69 -10.24 46.21
N GLN B 433 16.65 -10.07 44.89
CA GLN B 433 16.89 -11.15 43.93
C GLN B 433 18.39 -11.39 43.93
N THR B 434 18.81 -12.60 44.31
CA THR B 434 20.23 -12.91 44.45
C THR B 434 21.08 -12.75 43.20
N TRP B 435 20.63 -13.18 42.04
CA TRP B 435 21.45 -12.99 40.86
C TRP B 435 21.65 -11.50 40.57
N SER B 436 20.63 -10.70 40.84
CA SER B 436 20.73 -9.25 40.63
C SER B 436 21.89 -8.71 41.46
N ILE B 437 22.00 -9.21 42.69
CA ILE B 437 23.09 -8.80 43.57
C ILE B 437 24.43 -9.33 43.06
N ALA B 438 24.50 -10.63 42.81
CA ALA B 438 25.72 -11.24 42.30
C ALA B 438 26.18 -10.62 40.98
N GLY B 439 25.24 -10.40 40.07
CA GLY B 439 25.53 -9.76 38.80
C GLY B 439 26.40 -8.55 38.96
N LEU B 440 26.02 -7.69 39.90
CA LEU B 440 26.75 -6.45 40.14
C LEU B 440 28.12 -6.71 40.77
N LEU B 441 28.16 -7.63 41.74
CA LEU B 441 29.42 -7.97 42.39
C LEU B 441 30.41 -8.51 41.37
N VAL B 442 30.00 -9.55 40.64
CA VAL B 442 30.81 -10.13 39.58
C VAL B 442 31.30 -9.06 38.62
N ALA B 443 30.41 -8.13 38.28
CA ALA B 443 30.75 -7.09 37.33
C ALA B 443 31.88 -6.23 37.89
N LYS B 444 31.74 -5.85 39.16
CA LYS B 444 32.77 -5.07 39.86
C LYS B 444 34.06 -5.86 40.02
N GLN B 445 33.94 -7.16 40.26
CA GLN B 445 35.09 -8.04 40.40
C GLN B 445 35.87 -8.18 39.08
N PHE B 446 35.17 -8.41 37.97
CA PHE B 446 35.80 -8.43 36.65
C PHE B 446 36.52 -7.14 36.35
N LEU B 447 35.87 -6.04 36.67
CA LEU B 447 36.42 -4.73 36.38
C LEU B 447 37.73 -4.52 37.15
N ALA B 448 37.75 -4.96 38.41
CA ALA B 448 38.93 -4.91 39.25
C ALA B 448 40.09 -5.77 38.72
N ASN B 449 39.77 -7.00 38.32
CA ASN B 449 40.78 -7.94 37.85
C ASN B 449 40.30 -8.63 36.55
N PRO B 450 40.45 -7.92 35.41
CA PRO B 450 40.02 -8.38 34.09
C PRO B 450 40.54 -9.76 33.67
N ASP B 451 41.54 -10.30 34.37
CA ASP B 451 42.00 -11.67 34.11
C ASP B 451 41.00 -12.71 34.60
N HIS B 452 40.16 -12.34 35.56
CA HIS B 452 39.12 -13.24 36.08
C HIS B 452 38.05 -13.63 35.06
N VAL B 453 37.96 -12.86 33.96
CA VAL B 453 37.05 -13.15 32.87
C VAL B 453 37.33 -14.53 32.22
N GLU B 454 38.57 -15.00 32.38
CA GLU B 454 38.98 -16.30 31.84
C GLU B 454 38.13 -17.48 32.30
N PHE B 455 37.50 -17.37 33.48
CA PHE B 455 36.63 -18.43 34.00
C PHE B 455 35.43 -18.69 33.10
N ILE B 456 34.96 -17.67 32.39
CA ILE B 456 33.78 -17.82 31.56
C ILE B 456 34.14 -17.75 30.06
N SER B 457 35.40 -17.45 29.76
CA SER B 457 35.86 -17.36 28.37
C SER B 457 36.83 -18.51 28.06
N LEU C 12 35.07 12.57 -19.49
CA LEU C 12 33.80 12.05 -19.00
C LEU C 12 33.36 10.82 -19.80
N ARG C 13 34.05 10.56 -20.90
CA ARG C 13 33.80 9.39 -21.74
C ARG C 13 34.60 8.18 -21.23
N GLU C 14 35.65 8.47 -20.48
CA GLU C 14 36.50 7.43 -19.90
C GLU C 14 35.82 6.79 -18.69
N THR C 15 34.90 7.53 -18.05
CA THR C 15 34.27 7.09 -16.80
C THR C 15 33.40 5.84 -16.96
N GLU C 16 33.27 5.10 -15.85
CA GLU C 16 32.48 3.85 -15.84
C GLU C 16 31.06 4.05 -16.35
N SER C 17 30.39 5.07 -15.81
CA SER C 17 29.00 5.36 -16.15
C SER C 17 28.82 5.53 -17.65
N TRP C 18 29.65 6.37 -18.25
CA TRP C 18 29.57 6.62 -19.68
C TRP C 18 29.70 5.34 -20.49
N LYS C 19 30.57 4.44 -20.01
CA LYS C 19 30.80 3.18 -20.71
C LYS C 19 29.60 2.26 -20.64
N LEU C 20 28.96 2.20 -19.47
CA LEU C 20 27.71 1.48 -19.33
C LEU C 20 26.60 2.08 -20.20
N LEU C 21 26.64 3.41 -20.35
CA LEU C 21 25.63 4.09 -21.17
C LEU C 21 25.80 3.79 -22.67
N GLU C 22 27.04 3.76 -23.15
CA GLU C 22 27.31 3.43 -24.55
C GLU C 22 26.92 1.99 -24.88
N SER C 23 27.17 1.10 -23.92
CA SER C 23 26.80 -0.31 -24.02
C SER C 23 25.30 -0.50 -24.17
N SER C 24 24.55 0.39 -23.52
CA SER C 24 23.09 0.33 -23.49
C SER C 24 22.40 0.58 -24.84
N ILE C 25 23.15 1.12 -25.80
CA ILE C 25 22.56 1.65 -27.03
C ILE C 25 22.04 0.54 -27.95
N ILE C 26 20.77 0.66 -28.35
CA ILE C 26 20.19 -0.27 -29.31
C ILE C 26 20.46 0.21 -30.74
N TYR C 27 20.77 -0.72 -31.63
CA TYR C 27 21.00 -0.38 -33.03
C TYR C 27 19.94 -0.98 -33.95
N TYR C 28 19.58 -0.19 -34.96
CA TYR C 28 18.55 -0.57 -35.93
C TYR C 28 19.03 -0.23 -37.33
N GLU C 29 19.29 -1.26 -38.12
CA GLU C 29 19.85 -1.09 -39.47
C GLU C 29 21.08 -0.18 -39.44
N GLY C 30 22.01 -0.49 -38.55
CA GLY C 30 23.25 0.27 -38.45
C GLY C 30 23.14 1.69 -37.94
N ASN C 31 22.02 1.99 -37.29
CA ASN C 31 21.79 3.33 -36.77
C ASN C 31 21.36 3.28 -35.31
N PRO C 32 21.90 4.20 -34.48
CA PRO C 32 21.50 4.17 -33.07
C PRO C 32 20.12 4.82 -32.91
N ILE C 33 19.21 4.10 -32.26
CA ILE C 33 17.86 4.62 -32.08
C ILE C 33 17.35 4.71 -30.64
N GLY C 34 18.12 4.21 -29.68
CA GLY C 34 17.65 4.25 -28.30
C GLY C 34 18.55 3.51 -27.34
N THR C 35 18.08 3.30 -26.12
CA THR C 35 18.85 2.61 -25.10
C THR C 35 17.97 1.60 -24.37
N VAL C 36 18.56 0.51 -23.90
CA VAL C 36 17.84 -0.51 -23.15
C VAL C 36 17.53 -0.02 -21.74
N ALA C 37 16.51 -0.60 -21.11
CA ALA C 37 16.14 -0.22 -19.76
C ALA C 37 17.20 -0.63 -18.77
N ALA C 38 17.68 -1.86 -18.90
CA ALA C 38 18.73 -2.34 -18.02
C ALA C 38 19.66 -3.30 -18.74
N GLN C 39 20.85 -3.47 -18.18
CA GLN C 39 21.83 -4.45 -18.66
C GLN C 39 22.02 -5.46 -17.54
N ASP C 40 20.91 -5.81 -16.89
CA ASP C 40 20.90 -6.77 -15.80
C ASP C 40 21.14 -8.16 -16.39
N PRO C 41 22.18 -8.85 -15.93
CA PRO C 41 22.48 -10.22 -16.37
C PRO C 41 21.48 -11.25 -15.83
N ASP C 49 16.65 -4.42 -21.81
CA ASP C 49 16.21 -5.33 -22.86
C ASP C 49 15.57 -4.61 -24.05
N GLN C 50 14.56 -3.80 -23.76
CA GLN C 50 13.84 -3.05 -24.78
C GLN C 50 13.93 -1.56 -24.47
N CYS C 51 13.45 -0.71 -25.36
CA CYS C 51 13.55 0.73 -25.12
C CYS C 51 12.22 1.33 -24.65
N PHE C 52 12.19 1.84 -23.42
CA PHE C 52 11.04 2.60 -22.94
C PHE C 52 11.22 4.07 -23.30
N LEU C 53 10.15 4.69 -23.77
CA LEU C 53 10.18 6.10 -24.19
C LEU C 53 10.50 7.05 -23.03
N ARG C 54 9.85 6.87 -21.88
CA ARG C 54 10.13 7.71 -20.72
C ARG C 54 11.56 7.46 -20.23
N ASP C 55 12.04 6.23 -20.29
CA ASP C 55 13.40 5.91 -19.83
C ASP C 55 14.49 6.57 -20.67
N PHE C 56 14.23 6.76 -21.96
CA PHE C 56 15.25 7.30 -22.84
C PHE C 56 15.59 8.77 -22.58
N VAL C 57 14.63 9.54 -22.08
CA VAL C 57 14.81 10.99 -21.89
C VAL C 57 16.16 11.34 -21.21
N PRO C 58 16.45 10.76 -20.03
CA PRO C 58 17.74 11.13 -19.43
C PRO C 58 18.93 10.68 -20.25
N SER C 59 18.85 9.52 -20.89
CA SER C 59 19.90 9.04 -21.80
C SER C 59 20.16 10.09 -22.89
N ALA C 60 19.08 10.47 -23.58
CA ALA C 60 19.10 11.50 -24.61
C ALA C 60 19.84 12.76 -24.14
N PHE C 61 19.54 13.20 -22.93
CA PHE C 61 20.12 14.42 -22.38
C PHE C 61 21.64 14.36 -22.31
N VAL C 62 22.16 13.21 -21.89
CA VAL C 62 23.61 13.02 -21.83
C VAL C 62 24.21 13.13 -23.23
N PHE C 63 23.60 12.42 -24.18
CA PHE C 63 24.08 12.42 -25.55
C PHE C 63 24.08 13.83 -26.17
N LEU C 64 22.96 14.53 -26.09
CA LEU C 64 22.87 15.88 -26.67
C LEU C 64 23.92 16.84 -26.11
N ASP C 66 26.73 16.01 -24.86
CA ASP C 66 27.99 15.51 -25.39
C ASP C 66 28.09 15.78 -26.89
N GLY C 67 26.95 15.98 -27.54
CA GLY C 67 26.93 16.30 -28.96
C GLY C 67 26.56 15.17 -29.90
N GLN C 68 26.23 14.01 -29.36
CA GLN C 68 25.77 12.93 -30.22
C GLN C 68 24.26 13.05 -30.32
N THR C 69 23.80 13.52 -31.46
CA THR C 69 22.37 13.82 -31.63
C THR C 69 21.67 12.93 -32.63
N ASP C 70 22.45 12.13 -33.35
CA ASP C 70 21.88 11.26 -34.37
C ASP C 70 20.95 10.24 -33.71
N ILE C 71 21.38 9.72 -32.55
CA ILE C 71 20.57 8.76 -31.80
C ILE C 71 19.24 9.34 -31.30
N VAL C 72 19.28 10.57 -30.80
CA VAL C 72 18.07 11.22 -30.30
C VAL C 72 17.16 11.48 -31.49
N ARG C 73 17.73 12.03 -32.55
CA ARG C 73 17.00 12.30 -33.79
C ARG C 73 16.33 11.04 -34.33
N ASN C 74 17.12 9.97 -34.45
CA ASN C 74 16.59 8.71 -34.94
C ASN C 74 15.47 8.20 -34.05
N PHE C 75 15.68 8.29 -32.74
CA PHE C 75 14.67 7.92 -31.73
C PHE C 75 13.33 8.58 -32.00
N LEU C 76 13.34 9.89 -32.19
CA LEU C 76 12.12 10.65 -32.42
C LEU C 76 11.47 10.25 -33.73
N ILE C 77 12.29 9.94 -34.73
CA ILE C 77 11.78 9.50 -36.02
C ILE C 77 11.11 8.14 -35.87
N GLU C 78 11.81 7.21 -35.23
CA GLU C 78 11.32 5.85 -35.13
C GLU C 78 10.08 5.78 -34.25
N THR C 79 10.10 6.51 -33.14
CA THR C 79 8.95 6.54 -32.25
C THR C 79 7.75 7.23 -32.91
N LEU C 80 8.01 8.20 -33.78
CA LEU C 80 6.92 8.83 -34.53
C LEU C 80 6.25 7.83 -35.48
N THR C 81 7.06 7.01 -36.15
CA THR C 81 6.54 5.98 -37.04
C THR C 81 5.67 4.97 -36.29
N LEU C 82 6.09 4.57 -35.10
CA LEU C 82 5.31 3.62 -34.30
C LEU C 82 3.91 4.12 -33.98
N GLN C 83 3.78 5.40 -33.67
CA GLN C 83 2.49 6.05 -33.48
C GLN C 83 1.48 5.71 -34.58
N SER C 84 1.94 5.73 -35.83
CA SER C 84 1.08 5.50 -37.00
C SER C 84 0.68 4.05 -37.15
N HIS C 85 1.44 3.15 -36.53
CA HIS C 85 1.11 1.73 -36.54
C HIS C 85 -0.33 1.54 -36.06
N GLU C 86 -1.01 0.58 -36.64
CA GLU C 86 -2.38 0.27 -36.24
C GLU C 86 -2.31 -0.69 -35.07
N LYS C 87 -2.98 -0.32 -34.00
CA LYS C 87 -3.01 -1.13 -32.79
C LYS C 87 -4.44 -1.28 -32.36
N GLU C 88 -4.76 -2.43 -31.77
CA GLU C 88 -6.12 -2.68 -31.34
C GLU C 88 -6.15 -3.66 -30.22
N ASP C 90 -9.01 -6.47 -29.08
CA ASP C 90 -10.29 -7.04 -29.51
C ASP C 90 -10.77 -6.42 -30.83
N CYS C 91 -12.03 -6.03 -30.90
CA CYS C 91 -12.56 -5.42 -32.13
C CYS C 91 -12.64 -3.88 -32.04
N PHE C 92 -11.90 -3.31 -31.10
CA PHE C 92 -11.92 -1.87 -30.89
C PHE C 92 -10.53 -1.25 -30.97
N GLN C 93 -10.41 -0.15 -31.72
CA GLN C 93 -9.12 0.53 -31.82
C GLN C 93 -9.14 1.89 -31.10
N PRO C 94 -8.09 2.16 -30.33
CA PRO C 94 -7.86 3.38 -29.54
C PRO C 94 -7.35 4.56 -30.37
N GLY C 95 -7.29 5.74 -29.77
CA GLY C 95 -6.83 6.94 -30.46
C GLY C 95 -5.58 6.77 -31.30
N ALA C 96 -5.57 7.39 -32.47
CA ALA C 96 -4.48 7.26 -33.42
C ALA C 96 -3.14 7.79 -32.90
N GLY C 97 -3.18 8.85 -32.10
CA GLY C 97 -1.96 9.51 -31.65
C GLY C 97 -1.21 8.90 -30.48
N LEU C 98 -1.70 7.78 -29.98
CA LEU C 98 -1.14 7.14 -28.80
C LEU C 98 0.27 6.58 -29.06
N PRO C 100 3.73 4.35 -27.71
CA PRO C 100 3.88 3.12 -26.92
C PRO C 100 4.69 3.31 -25.64
N ALA C 101 4.55 2.38 -24.69
CA ALA C 101 5.37 2.42 -23.48
C ALA C 101 6.80 2.14 -23.86
N SER C 102 6.98 1.10 -24.67
CA SER C 102 8.31 0.65 -25.06
C SER C 102 8.28 0.07 -26.47
N PHE C 103 9.46 -0.11 -27.04
CA PHE C 103 9.62 -0.87 -28.27
C PHE C 103 10.88 -1.70 -28.18
N LYS C 104 10.98 -2.73 -29.03
CA LYS C 104 12.23 -3.47 -29.16
C LYS C 104 12.51 -3.92 -30.58
N VAL C 105 13.76 -4.25 -30.83
CA VAL C 105 14.15 -4.80 -32.13
C VAL C 105 14.04 -6.32 -32.11
N GLU C 106 13.04 -6.85 -32.81
CA GLU C 106 12.93 -8.29 -32.98
C GLU C 106 13.40 -8.65 -34.39
N SER C 107 14.23 -9.69 -34.48
CA SER C 107 14.74 -10.14 -35.77
C SER C 107 13.86 -11.19 -36.43
N ASP C 108 13.54 -10.93 -37.70
CA ASP C 108 12.91 -11.89 -38.58
C ASP C 108 13.87 -13.04 -38.88
N GLY C 109 15.15 -12.76 -38.71
CA GLY C 109 16.22 -13.65 -39.15
C GLY C 109 16.74 -13.16 -40.49
N SER C 110 15.84 -12.60 -41.29
CA SER C 110 16.20 -12.06 -42.60
C SER C 110 16.00 -10.53 -42.70
N LYS C 111 15.50 -9.91 -41.64
CA LYS C 111 15.28 -8.47 -41.62
C LYS C 111 15.06 -7.98 -40.18
N GLU C 112 15.37 -6.72 -39.94
CA GLU C 112 15.12 -6.10 -38.63
C GLU C 112 13.90 -5.20 -38.70
N TYR C 113 13.04 -5.31 -37.71
CA TYR C 113 11.87 -4.46 -37.61
C TYR C 113 11.57 -4.14 -36.14
N LEU C 114 10.84 -3.05 -35.91
CA LEU C 114 10.53 -2.61 -34.56
C LEU C 114 9.15 -3.08 -34.13
N VAL C 115 9.06 -3.64 -32.93
CA VAL C 115 7.78 -4.05 -32.35
C VAL C 115 7.48 -3.18 -31.13
N ALA C 116 6.22 -2.77 -30.97
CA ALA C 116 5.85 -1.85 -29.91
C ALA C 116 4.88 -2.45 -28.89
N ASP C 117 5.02 -2.02 -27.63
CA ASP C 117 4.02 -2.23 -26.59
C ASP C 117 3.30 -0.91 -26.32
N PHE C 118 2.04 -0.81 -26.77
CA PHE C 118 1.29 0.42 -26.55
C PHE C 118 0.37 0.34 -25.33
N GLY C 119 0.52 -0.71 -24.54
CA GLY C 119 -0.39 -0.95 -23.43
C GLY C 119 -1.24 -2.18 -23.66
N GLU C 120 -1.32 -2.61 -24.93
CA GLU C 120 -2.07 -3.81 -25.30
C GLU C 120 -1.27 -5.07 -25.03
N LYS C 121 0.03 -4.91 -24.80
CA LYS C 121 0.87 -6.02 -24.36
C LYS C 121 1.27 -5.88 -22.89
N ALA C 122 1.18 -4.65 -22.39
CA ALA C 122 1.65 -4.28 -21.06
C ALA C 122 0.93 -5.01 -19.92
N ILE C 123 1.60 -5.14 -18.79
CA ILE C 123 0.97 -5.67 -17.59
C ILE C 123 0.02 -4.61 -17.04
N ALA C 124 -1.23 -5.02 -16.79
CA ALA C 124 -2.32 -4.16 -16.26
C ALA C 124 -3.04 -3.40 -17.38
N ARG C 125 -2.62 -3.62 -18.62
CA ARG C 125 -3.22 -2.96 -19.79
C ARG C 125 -3.30 -1.44 -19.67
N VAL C 126 -2.39 -0.86 -18.90
CA VAL C 126 -2.34 0.58 -18.68
C VAL C 126 -1.88 1.31 -19.94
N PRO C 127 -2.36 2.53 -20.13
CA PRO C 127 -1.98 3.33 -21.29
C PRO C 127 -0.91 4.32 -20.86
N PRO C 128 0.19 4.44 -21.60
CA PRO C 128 1.24 5.38 -21.21
C PRO C 128 0.96 6.78 -21.70
N VAL C 129 0.23 7.56 -20.90
CA VAL C 129 -0.08 8.93 -21.25
C VAL C 129 1.16 9.81 -21.25
N ASP C 130 2.04 9.60 -20.28
CA ASP C 130 3.26 10.39 -20.16
C ASP C 130 4.19 10.19 -21.35
N SER C 131 4.21 9.00 -21.92
CA SER C 131 5.08 8.72 -23.05
C SER C 131 4.91 9.74 -24.20
N CYS C 132 3.66 10.03 -24.56
CA CYS C 132 3.34 11.09 -25.53
C CYS C 132 3.86 12.46 -25.07
N TRP C 134 6.37 13.13 -22.95
CA TRP C 134 7.82 13.10 -23.01
C TRP C 134 8.32 13.16 -24.44
N TRP C 135 7.54 12.62 -25.38
CA TRP C 135 7.96 12.67 -26.78
C TRP C 135 8.04 14.11 -27.26
N ILE C 136 6.99 14.88 -26.98
CA ILE C 136 6.94 16.28 -27.39
C ILE C 136 8.04 17.07 -26.70
N LEU C 137 8.23 16.82 -25.41
CA LEU C 137 9.23 17.51 -24.62
C LEU C 137 10.64 17.20 -25.11
N LEU C 138 10.86 15.97 -25.52
CA LEU C 138 12.16 15.56 -26.00
C LEU C 138 12.46 16.22 -27.35
N LEU C 139 11.43 16.34 -28.16
CA LEU C 139 11.56 17.01 -29.45
C LEU C 139 12.00 18.45 -29.26
N ARG C 140 11.36 19.13 -28.32
CA ARG C 140 11.75 20.50 -28.00
C ARG C 140 13.17 20.49 -27.47
N ALA C 141 13.47 19.54 -26.59
CA ALA C 141 14.80 19.40 -26.02
C ALA C 141 15.82 19.25 -27.12
N TYR C 142 15.48 18.44 -28.12
CA TYR C 142 16.35 18.25 -29.28
C TYR C 142 16.61 19.58 -29.97
N GLU C 143 15.52 20.22 -30.36
CA GLU C 143 15.56 21.53 -30.99
C GLU C 143 16.46 22.53 -30.27
N LYS C 144 16.22 22.72 -28.98
CA LYS C 144 16.91 23.76 -28.24
C LYS C 144 18.39 23.46 -28.00
N ALA C 145 18.78 22.20 -28.17
CA ALA C 145 20.16 21.81 -27.96
C ALA C 145 20.96 21.85 -29.27
N THR C 146 20.35 21.42 -30.37
CA THR C 146 21.05 21.35 -31.65
C THR C 146 20.89 22.62 -32.49
N GLY C 147 19.75 23.29 -32.32
CA GLY C 147 19.40 24.43 -33.16
C GLY C 147 18.62 24.01 -34.38
N ASP C 148 18.49 22.70 -34.58
CA ASP C 148 17.78 22.14 -35.73
C ASP C 148 16.27 22.38 -35.58
N LEU C 149 15.71 23.17 -36.48
CA LEU C 149 14.27 23.42 -36.48
C LEU C 149 13.55 22.60 -37.55
N THR C 150 14.32 22.07 -38.49
CA THR C 150 13.78 21.35 -39.63
C THR C 150 12.88 20.18 -39.20
N LEU C 151 13.32 19.47 -38.17
CA LEU C 151 12.68 18.21 -37.77
C LEU C 151 11.21 18.38 -37.35
N ALA C 152 10.99 19.24 -36.36
CA ALA C 152 9.66 19.48 -35.83
C ALA C 152 8.75 20.11 -36.88
N ARG C 153 9.36 20.71 -37.90
CA ARG C 153 8.61 21.41 -38.94
C ARG C 153 8.15 20.48 -40.06
N GLU C 154 8.75 19.29 -40.14
CA GLU C 154 8.34 18.30 -41.13
C GLU C 154 6.86 17.93 -40.97
N PRO C 155 6.15 17.77 -42.10
CA PRO C 155 4.71 17.45 -42.08
C PRO C 155 4.40 16.25 -41.18
N LYS C 156 5.26 15.23 -41.23
CA LYS C 156 5.14 14.06 -40.36
C LYS C 156 5.06 14.46 -38.88
N PHE C 157 6.03 15.26 -38.44
CA PHE C 157 6.10 15.69 -37.06
C PHE C 157 4.92 16.58 -36.66
N GLN C 158 4.54 17.50 -37.54
CA GLN C 158 3.38 18.34 -37.30
C GLN C 158 2.15 17.50 -37.10
N ALA C 159 2.00 16.46 -37.92
CA ALA C 159 0.86 15.57 -37.80
C ALA C 159 0.93 14.80 -36.50
N GLY C 160 2.14 14.39 -36.12
CA GLY C 160 2.33 13.62 -34.91
C GLY C 160 1.96 14.39 -33.67
N ILE C 161 2.49 15.62 -33.59
CA ILE C 161 2.14 16.55 -32.52
C ILE C 161 0.63 16.74 -32.43
N LYS C 162 -0.01 16.94 -33.57
CA LYS C 162 -1.44 17.19 -33.57
C LYS C 162 -2.25 16.02 -33.04
N LEU C 163 -1.87 14.80 -33.43
CA LEU C 163 -2.57 13.58 -32.97
C LEU C 163 -2.50 13.41 -31.46
N ILE C 164 -1.36 13.76 -30.88
CA ILE C 164 -1.19 13.75 -29.44
C ILE C 164 -2.13 14.77 -28.79
N LEU C 165 -2.18 15.95 -29.39
CA LEU C 165 -2.99 17.05 -28.89
C LEU C 165 -4.48 16.70 -28.98
N ASP C 166 -4.87 16.04 -30.06
CA ASP C 166 -6.24 15.55 -30.20
C ASP C 166 -6.72 14.79 -28.97
N LEU C 167 -5.85 13.93 -28.45
CA LEU C 167 -6.18 13.08 -27.29
C LEU C 167 -6.19 13.87 -25.97
N CYS C 168 -5.16 14.66 -25.74
CA CYS C 168 -5.06 15.49 -24.53
C CYS C 168 -6.22 16.48 -24.42
N LEU C 169 -6.54 17.10 -25.55
CA LEU C 169 -7.58 18.13 -25.61
C LEU C 169 -8.95 17.54 -25.86
N ALA C 170 -9.07 16.22 -25.69
CA ALA C 170 -10.35 15.56 -25.80
C ALA C 170 -11.38 16.21 -24.88
N HIS C 171 -12.58 16.46 -25.40
CA HIS C 171 -13.62 17.13 -24.62
C HIS C 171 -13.96 16.36 -23.35
N ARG C 172 -14.24 17.11 -22.27
CA ARG C 172 -14.48 16.50 -20.98
C ARG C 172 -15.95 16.66 -20.60
N PHE C 173 -16.40 15.82 -19.68
CA PHE C 173 -17.73 15.90 -19.12
C PHE C 173 -17.75 16.88 -17.94
N SER C 174 -16.62 16.99 -17.27
CA SER C 174 -16.54 17.78 -16.05
C SER C 174 -16.00 19.18 -16.32
N TYR C 176 -13.32 20.29 -14.92
CA TYR C 176 -11.90 20.28 -14.62
C TYR C 176 -11.08 20.43 -15.89
N PRO C 177 -10.14 21.39 -15.92
CA PRO C 177 -9.28 21.57 -17.10
C PRO C 177 -8.14 20.57 -17.10
N THR C 178 -8.05 19.80 -16.02
CA THR C 178 -7.03 18.76 -15.91
C THR C 178 -7.38 17.63 -16.85
N LEU C 180 -8.17 13.75 -17.41
CA LEU C 180 -8.67 12.51 -16.78
C LEU C 180 -7.96 11.26 -17.32
N VAL C 181 -7.49 10.41 -16.40
CA VAL C 181 -6.77 9.18 -16.74
C VAL C 181 -7.11 8.05 -15.77
N PRO C 182 -6.95 6.79 -16.20
CA PRO C 182 -7.04 5.67 -15.25
C PRO C 182 -5.81 5.56 -14.34
N ASP C 183 -5.84 4.64 -13.38
CA ASP C 183 -4.74 4.44 -12.44
C ASP C 183 -3.52 3.92 -13.17
N GLY C 184 -2.33 4.24 -12.66
CA GLY C 184 -1.08 3.80 -13.26
C GLY C 184 -0.80 4.22 -14.70
N ALA C 185 -1.01 5.49 -15.03
CA ALA C 185 -0.83 5.97 -16.41
C ALA C 185 0.44 6.78 -16.66
N PHE C 186 1.42 6.74 -15.75
CA PHE C 186 2.69 7.45 -15.98
C PHE C 186 3.90 6.60 -15.50
N ILE C 188 4.68 5.78 -12.59
CA ILE C 188 4.02 4.79 -11.77
C ILE C 188 3.04 4.10 -12.74
N ASP C 189 3.44 2.93 -13.25
CA ASP C 189 2.66 2.18 -14.24
C ASP C 189 1.81 1.06 -13.64
N ARG C 190 1.70 1.06 -12.31
CA ARG C 190 0.91 0.04 -11.63
C ARG C 190 -0.18 0.76 -10.84
N ARG C 191 -1.23 0.04 -10.47
CA ARG C 191 -2.31 0.68 -9.73
C ARG C 191 -1.72 1.21 -8.44
N GLY C 193 -3.42 4.26 -6.90
CA GLY C 193 -4.33 5.29 -6.43
C GLY C 193 -3.96 6.60 -7.09
N VAL C 194 -3.38 6.51 -8.28
CA VAL C 194 -2.93 7.69 -9.03
C VAL C 194 -3.90 7.97 -10.19
N TYR C 195 -5.09 7.39 -10.12
CA TYR C 195 -6.16 7.53 -11.13
C TYR C 195 -6.76 8.94 -11.10
N GLU C 196 -7.65 9.26 -12.04
CA GLU C 196 -8.37 10.55 -12.09
C GLU C 196 -7.47 11.70 -12.56
N HIS C 197 -6.96 12.51 -11.63
CA HIS C 197 -6.20 13.72 -11.98
C HIS C 197 -4.81 13.83 -11.29
N PRO C 198 -3.93 12.82 -11.48
CA PRO C 198 -2.61 12.79 -10.82
C PRO C 198 -1.78 13.99 -11.19
N LEU C 199 -1.05 14.54 -10.23
CA LEU C 199 -0.18 15.68 -10.47
C LEU C 199 0.75 15.52 -11.67
N GLU C 200 1.49 14.41 -11.70
CA GLU C 200 2.50 14.20 -12.73
C GLU C 200 1.95 14.43 -14.14
N ILE C 201 0.77 13.91 -14.41
CA ILE C 201 0.16 14.00 -15.73
C ILE C 201 -0.21 15.43 -16.06
N GLN C 202 -0.79 16.12 -15.08
CA GLN C 202 -1.16 17.52 -15.25
C GLN C 202 0.08 18.37 -15.53
N VAL C 203 1.15 18.11 -14.81
CA VAL C 203 2.38 18.86 -15.02
C VAL C 203 2.98 18.61 -16.40
N LEU C 204 3.13 17.33 -16.78
CA LEU C 204 3.66 16.99 -18.09
C LEU C 204 2.71 17.43 -19.22
N PHE C 205 1.42 17.44 -18.93
CA PHE C 205 0.44 17.97 -19.87
C PHE C 205 0.72 19.45 -20.13
N TYR C 206 0.74 20.25 -19.06
CA TYR C 206 1.15 21.65 -19.13
C TYR C 206 2.46 21.85 -19.89
N ALA C 207 3.49 21.13 -19.48
CA ALA C 207 4.80 21.20 -20.12
C ALA C 207 4.72 20.85 -21.62
N ALA C 208 3.86 19.89 -21.97
CA ALA C 208 3.74 19.46 -23.35
C ALA C 208 3.03 20.53 -24.17
N LEU C 209 2.05 21.19 -23.54
CA LEU C 209 1.35 22.28 -24.20
C LEU C 209 2.27 23.47 -24.47
N ARG C 210 3.05 23.87 -23.47
CA ARG C 210 4.06 24.88 -23.66
C ARG C 210 4.94 24.60 -24.87
N ALA C 211 5.51 23.39 -24.91
CA ALA C 211 6.37 23.00 -26.00
C ALA C 211 5.64 23.11 -27.35
N ALA C 212 4.34 22.82 -27.33
CA ALA C 212 3.52 22.85 -28.53
C ALA C 212 3.31 24.26 -29.08
N ARG C 213 3.52 25.28 -28.25
CA ARG C 213 3.40 26.68 -28.67
C ARG C 213 4.49 27.06 -29.68
N GLU C 214 5.72 26.64 -29.39
CA GLU C 214 6.87 26.87 -30.24
C GLU C 214 6.94 25.92 -31.43
N LEU C 215 6.69 24.63 -31.17
CA LEU C 215 6.86 23.58 -32.17
C LEU C 215 5.81 23.60 -33.27
N LEU C 216 4.61 24.09 -32.96
CA LEU C 216 3.53 24.09 -33.94
C LEU C 216 3.65 25.20 -34.97
N LEU C 217 3.24 24.89 -36.20
CA LEU C 217 3.15 25.88 -37.26
C LEU C 217 1.73 26.37 -37.41
N PRO C 218 1.55 27.67 -37.56
CA PRO C 218 0.20 28.23 -37.73
C PRO C 218 -0.38 27.86 -39.09
N ASP C 219 0.43 27.23 -39.92
CA ASP C 219 0.00 26.83 -41.27
C ASP C 219 -1.19 25.92 -41.25
N GLY C 220 -2.10 26.13 -42.21
CA GLY C 220 -3.31 25.35 -42.30
C GLY C 220 -4.13 25.27 -41.01
N ASP C 221 -4.23 24.06 -40.50
CA ASP C 221 -5.01 23.74 -39.31
C ASP C 221 -4.24 24.15 -38.04
N GLY C 222 -2.98 24.55 -38.21
CA GLY C 222 -2.14 24.96 -37.10
C GLY C 222 -2.68 26.02 -36.15
N GLU C 223 -3.28 27.07 -36.70
CA GLU C 223 -3.86 28.13 -35.89
C GLU C 223 -5.00 27.63 -35.01
N GLN C 224 -5.75 26.67 -35.53
CA GLN C 224 -6.86 26.08 -34.80
C GLN C 224 -6.39 25.27 -33.60
N TYR C 225 -5.22 24.64 -33.72
CA TYR C 225 -4.60 23.91 -32.62
C TYR C 225 -4.01 24.85 -31.56
N LEU C 226 -3.28 25.86 -32.01
CA LEU C 226 -2.69 26.82 -31.11
C LEU C 226 -3.74 27.51 -30.26
N ASN C 227 -4.94 27.72 -30.81
CA ASN C 227 -6.03 28.32 -30.04
C ASN C 227 -6.50 27.45 -28.88
N LYS C 228 -6.68 26.16 -29.16
CA LYS C 228 -7.06 25.21 -28.13
C LYS C 228 -5.96 25.06 -27.08
N VAL C 229 -4.71 25.05 -27.54
CA VAL C 229 -3.55 24.96 -26.64
C VAL C 229 -3.49 26.14 -25.67
N HIS C 230 -3.62 27.36 -26.19
CA HIS C 230 -3.53 28.57 -25.37
C HIS C 230 -4.67 28.66 -24.35
N GLY C 231 -5.87 28.27 -24.77
CA GLY C 231 -7.01 28.22 -23.87
C GLY C 231 -6.73 27.31 -22.69
N ARG C 232 -6.21 26.12 -22.98
CA ARG C 232 -5.98 25.12 -21.94
C ARG C 232 -4.84 25.46 -21.01
N LEU C 233 -3.75 26.00 -21.54
CA LEU C 233 -2.60 26.42 -20.73
C LEU C 233 -3.01 27.34 -19.58
N GLY C 234 -3.83 28.35 -19.88
CA GLY C 234 -4.29 29.25 -18.87
C GLY C 234 -5.18 28.59 -17.83
N ALA C 235 -6.22 27.91 -18.29
CA ALA C 235 -7.16 27.23 -17.39
C ALA C 235 -6.45 26.21 -16.52
N LEU C 236 -5.53 25.47 -17.13
CA LEU C 236 -4.80 24.41 -16.46
C LEU C 236 -3.82 24.97 -15.42
N GLN C 237 -3.11 26.03 -15.76
CA GLN C 237 -2.20 26.68 -14.83
C GLN C 237 -2.95 27.30 -13.65
N TYR C 238 -4.10 27.89 -13.95
CA TYR C 238 -4.88 28.52 -12.90
C TYR C 238 -5.38 27.46 -11.91
N HIS C 239 -5.95 26.39 -12.46
CA HIS C 239 -6.48 25.27 -11.69
C HIS C 239 -5.45 24.65 -10.73
N ILE C 240 -4.28 24.32 -11.25
CA ILE C 240 -3.25 23.66 -10.45
C ILE C 240 -2.71 24.56 -9.35
N ARG C 241 -2.39 25.81 -9.69
CA ARG C 241 -1.82 26.71 -8.72
C ARG C 241 -2.79 27.06 -7.60
N ASN C 242 -4.06 27.23 -7.94
CA ASN C 242 -5.06 27.61 -6.97
C ASN C 242 -5.64 26.45 -6.18
N TYR C 243 -5.62 25.25 -6.73
CA TYR C 243 -6.29 24.15 -6.06
C TYR C 243 -5.37 23.01 -5.59
N TYR C 244 -4.28 22.75 -6.31
CA TYR C 244 -3.31 21.73 -5.91
C TYR C 244 -2.30 22.26 -4.89
N TRP C 245 -2.06 23.57 -4.86
CA TRP C 245 -1.02 24.11 -3.99
C TRP C 245 -1.32 23.91 -2.50
N VAL C 246 -0.33 23.40 -1.77
CA VAL C 246 -0.51 23.14 -0.36
C VAL C 246 0.58 23.83 0.47
N ASP C 247 0.16 24.69 1.38
CA ASP C 247 1.01 25.17 2.45
C ASP C 247 0.18 25.33 3.72
N LEU C 248 0.83 25.68 4.83
CA LEU C 248 0.11 25.83 6.10
C LEU C 248 -1.04 26.80 5.99
N LYS C 249 -0.81 27.92 5.33
CA LYS C 249 -1.84 28.93 5.11
C LYS C 249 -3.06 28.33 4.43
N ARG C 250 -2.80 27.66 3.31
CA ARG C 250 -3.86 27.03 2.53
C ARG C 250 -4.51 25.90 3.31
N LEU C 251 -3.68 25.18 4.07
CA LEU C 251 -4.15 24.04 4.83
C LEU C 251 -5.14 24.47 5.92
N ARG C 252 -4.85 25.60 6.54
CA ARG C 252 -5.74 26.19 7.54
C ARG C 252 -7.10 26.55 6.97
N GLU C 253 -7.12 27.02 5.72
CA GLU C 253 -8.37 27.32 5.06
C GLU C 253 -9.21 26.07 4.80
N ILE C 254 -8.56 25.04 4.27
CA ILE C 254 -9.25 23.81 3.91
C ILE C 254 -9.80 23.15 5.16
N TYR C 255 -8.95 23.08 6.19
CA TYR C 255 -9.35 22.50 7.47
C TYR C 255 -10.64 23.16 8.02
N ARG C 256 -10.83 24.45 7.74
CA ARG C 256 -12.03 25.15 8.18
C ARG C 256 -13.19 25.19 7.17
N TYR C 257 -13.04 24.50 6.03
CA TYR C 257 -14.15 24.42 5.08
C TYR C 257 -15.37 23.75 5.68
N LYS C 258 -16.55 24.27 5.32
CA LYS C 258 -17.79 23.59 5.66
C LYS C 258 -18.10 22.58 4.56
N GLY C 259 -18.68 21.45 4.94
CA GLY C 259 -19.04 20.43 3.97
C GLY C 259 -20.35 20.73 3.24
N ASN C 260 -20.53 20.08 2.11
CA ASN C 260 -21.80 20.08 1.37
C ASN C 260 -22.26 21.45 0.88
N GLU C 261 -21.29 22.29 0.55
CA GLU C 261 -21.58 23.58 -0.06
C GLU C 261 -22.05 23.38 -1.51
N PHE C 262 -23.21 23.95 -1.85
CA PHE C 262 -23.69 23.88 -3.23
C PHE C 262 -23.93 25.27 -3.82
N GLY C 263 -23.21 25.58 -4.89
CA GLY C 263 -23.38 26.84 -5.58
C GLY C 263 -22.18 27.23 -6.40
N LYS C 264 -22.35 28.24 -7.25
CA LYS C 264 -21.29 28.70 -8.12
C LYS C 264 -20.20 29.44 -7.34
N GLU C 265 -20.63 30.21 -6.35
CA GLU C 265 -19.69 30.95 -5.52
C GLU C 265 -19.63 30.29 -4.16
N ILE C 266 -18.59 29.48 -3.93
CA ILE C 266 -18.37 28.80 -2.66
C ILE C 266 -16.89 28.48 -2.48
N ALA C 267 -16.46 28.28 -1.25
CA ALA C 267 -15.05 28.01 -0.98
C ALA C 267 -14.69 26.55 -1.23
N ASN C 268 -15.51 25.65 -0.70
CA ASN C 268 -15.27 24.22 -0.80
C ASN C 268 -15.89 23.61 -2.07
N LYS C 269 -15.27 23.88 -3.22
CA LYS C 269 -15.81 23.48 -4.52
C LYS C 269 -15.75 21.97 -4.73
N PHE C 270 -14.76 21.34 -4.12
CA PHE C 270 -14.54 19.91 -4.30
C PHE C 270 -14.99 19.08 -3.12
N ASN C 271 -15.70 19.70 -2.18
CA ASN C 271 -16.28 19.03 -1.01
C ASN C 271 -15.30 18.18 -0.20
N ILE C 272 -14.21 18.80 0.25
CA ILE C 272 -13.21 18.14 1.09
C ILE C 272 -13.65 18.16 2.54
N PHE C 273 -13.76 16.99 3.18
CA PHE C 273 -14.12 16.94 4.59
C PHE C 273 -12.84 17.00 5.43
N SER C 274 -12.76 18.03 6.27
CA SER C 274 -11.51 18.34 6.96
C SER C 274 -11.03 17.22 7.86
N GLN C 275 -11.99 16.52 8.48
CA GLN C 275 -11.67 15.37 9.30
C GLN C 275 -10.95 14.28 8.49
N SER C 276 -11.09 14.33 7.17
CA SER C 276 -10.40 13.39 6.30
C SER C 276 -8.93 13.76 6.05
N ILE C 277 -8.56 15.00 6.31
CA ILE C 277 -7.18 15.44 6.10
C ILE C 277 -6.26 14.71 7.09
N PRO C 278 -5.21 14.05 6.57
CA PRO C 278 -4.37 13.25 7.49
C PRO C 278 -3.59 14.10 8.48
N ASP C 279 -3.29 13.51 9.62
CA ASP C 279 -2.57 14.19 10.68
C ASP C 279 -1.11 14.47 10.31
N TRP C 280 -0.51 13.58 9.52
CA TRP C 280 0.90 13.71 9.17
C TRP C 280 1.18 15.00 8.43
N VAL C 281 0.27 15.42 7.55
CA VAL C 281 0.50 16.58 6.69
C VAL C 281 0.71 17.83 7.53
N ILE C 282 -0.13 17.98 8.55
CA ILE C 282 -0.07 19.15 9.43
C ILE C 282 1.31 19.27 10.08
N GLU C 283 1.83 18.14 10.55
CA GLU C 283 3.12 18.12 11.22
C GLU C 283 4.32 18.14 10.29
N TRP C 284 4.11 17.70 9.04
CA TRP C 284 5.20 17.54 8.08
C TRP C 284 5.63 18.86 7.45
N LEU C 285 4.67 19.74 7.19
CA LEU C 285 4.98 21.00 6.53
C LEU C 285 5.82 21.92 7.41
N PRO C 286 6.91 22.45 6.85
CA PRO C 286 7.63 23.55 7.51
C PRO C 286 6.89 24.84 7.25
N GLU C 287 7.06 25.85 8.11
CA GLU C 287 6.37 27.12 7.94
C GLU C 287 6.59 27.75 6.56
N LYS C 288 7.81 27.60 6.06
CA LYS C 288 8.18 28.23 4.79
C LYS C 288 8.17 27.26 3.60
N GLY C 289 7.63 26.07 3.80
CA GLY C 289 7.60 25.08 2.74
C GLY C 289 6.22 24.96 2.12
N GLY C 290 6.17 24.33 0.96
CA GLY C 290 4.92 24.09 0.26
C GLY C 290 5.11 23.10 -0.87
N TYR C 291 4.01 22.55 -1.38
CA TYR C 291 4.08 21.63 -2.51
C TYR C 291 2.73 21.52 -3.18
N LEU C 292 2.73 20.96 -4.39
CA LEU C 292 1.51 20.70 -5.13
C LEU C 292 1.02 19.31 -4.79
N ALA C 293 -0.28 19.19 -4.55
CA ALA C 293 -0.86 17.93 -4.10
C ALA C 293 -0.81 16.86 -5.19
N GLY C 294 -0.96 15.61 -4.74
CA GLY C 294 -0.86 14.46 -5.60
C GLY C 294 -2.01 14.34 -6.57
N ASN C 295 -3.20 14.71 -6.12
CA ASN C 295 -4.38 14.53 -6.95
C ASN C 295 -5.54 15.39 -6.46
N LEU C 296 -6.51 15.64 -7.34
CA LEU C 296 -7.70 16.41 -7.01
C LEU C 296 -8.87 15.94 -7.86
N GLY C 297 -9.96 15.62 -7.19
CA GLY C 297 -11.16 15.09 -7.82
C GLY C 297 -12.36 15.33 -6.93
N PRO C 298 -13.55 14.90 -7.38
CA PRO C 298 -14.71 15.15 -6.53
C PRO C 298 -14.55 14.49 -5.17
N GLY C 299 -14.74 15.28 -4.12
CA GLY C 299 -14.66 14.77 -2.76
C GLY C 299 -13.29 14.26 -2.35
N ARG C 300 -12.24 14.60 -3.11
CA ARG C 300 -10.94 14.07 -2.76
C ARG C 300 -9.73 14.95 -3.03
N ASP C 302 -5.51 14.22 -2.70
CA ASP C 302 -4.39 13.38 -2.31
C ASP C 302 -3.24 14.27 -1.84
N PHE C 303 -2.97 14.22 -0.54
CA PHE C 303 -1.94 15.06 0.05
C PHE C 303 -0.54 14.48 -0.08
N ARG C 304 -0.41 13.27 -0.66
CA ARG C 304 0.92 12.69 -0.85
C ARG C 304 1.81 13.62 -1.68
N PHE C 305 3.06 13.76 -1.27
CA PHE C 305 4.05 14.49 -2.05
C PHE C 305 4.54 13.60 -3.17
N PHE C 306 4.48 14.10 -4.39
CA PHE C 306 4.99 13.36 -5.56
C PHE C 306 6.15 14.13 -6.22
N ALA C 307 7.32 13.51 -6.27
CA ALA C 307 8.54 14.23 -6.60
C ALA C 307 8.63 14.66 -8.06
N LEU C 308 8.36 13.74 -8.99
CA LEU C 308 8.56 14.06 -10.40
C LEU C 308 7.64 15.19 -10.84
N GLY C 309 6.39 15.15 -10.38
CA GLY C 309 5.43 16.18 -10.71
C GLY C 309 5.84 17.53 -10.15
N ASN C 310 6.27 17.54 -8.90
CA ASN C 310 6.65 18.77 -8.25
C ASN C 310 7.90 19.38 -8.85
N LEU C 311 8.91 18.55 -9.11
CA LEU C 311 10.15 19.03 -9.71
C LEU C 311 9.96 19.53 -11.15
N ALA C 313 7.16 20.78 -12.21
CA ALA C 313 6.37 22.00 -12.08
C ALA C 313 7.29 23.23 -11.93
N ILE C 314 8.45 23.04 -11.31
CA ILE C 314 9.47 24.08 -11.23
C ILE C 314 10.11 24.30 -12.62
N LEU C 315 10.67 23.25 -13.21
CA LEU C 315 11.40 23.40 -14.48
C LEU C 315 10.53 23.96 -15.61
N ALA C 316 9.29 23.48 -15.71
CA ALA C 316 8.38 23.94 -16.75
C ALA C 316 7.78 25.31 -16.45
N GLY C 317 8.11 25.86 -15.29
CA GLY C 317 7.63 27.18 -14.92
C GLY C 317 6.18 27.18 -14.48
N LEU C 318 5.61 26.01 -14.29
CA LEU C 318 4.22 25.90 -13.86
C LEU C 318 4.07 26.48 -12.47
N ALA C 319 4.97 26.11 -11.57
CA ALA C 319 5.03 26.76 -10.27
C ALA C 319 5.55 28.19 -10.42
N SER C 320 5.06 29.11 -9.62
CA SER C 320 5.63 30.46 -9.60
C SER C 320 7.01 30.41 -8.96
N GLU C 321 7.70 31.54 -8.93
CA GLU C 321 9.01 31.60 -8.28
C GLU C 321 8.90 31.30 -6.79
N GLU C 322 7.95 31.93 -6.10
CA GLU C 322 7.81 31.71 -4.67
C GLU C 322 7.47 30.26 -4.42
N GLU C 323 6.59 29.72 -5.26
CA GLU C 323 6.14 28.35 -5.09
C GLU C 323 7.31 27.37 -5.30
N SER C 324 8.11 27.62 -6.32
CA SER C 324 9.33 26.83 -6.55
C SER C 324 10.32 26.90 -5.38
N GLN C 325 10.47 28.06 -4.77
CA GLN C 325 11.31 28.22 -3.59
C GLN C 325 10.78 27.42 -2.40
N ARG C 326 9.47 27.48 -2.22
CA ARG C 326 8.82 26.81 -1.10
C ARG C 326 8.90 25.27 -1.23
N ILE C 327 8.97 24.76 -2.47
CA ILE C 327 9.16 23.32 -2.67
C ILE C 327 10.56 22.89 -2.27
N ASN C 329 12.40 24.34 -0.09
CA ASN C 329 12.44 24.47 1.36
C ASN C 329 11.93 23.20 2.03
N LEU C 330 10.92 22.60 1.40
CA LEU C 330 10.37 21.34 1.86
C LEU C 330 11.42 20.22 1.79
N PHE C 331 12.07 20.08 0.64
CA PHE C 331 13.16 19.12 0.49
C PHE C 331 14.21 19.31 1.59
N ALA C 332 14.65 20.55 1.80
CA ALA C 332 15.67 20.85 2.80
C ALA C 332 15.22 20.49 4.21
N HIS C 333 14.01 20.91 4.55
CA HIS C 333 13.45 20.67 5.87
C HIS C 333 13.15 19.18 6.12
N ARG C 334 12.83 18.44 5.07
CA ARG C 334 12.49 17.02 5.17
C ARG C 334 13.46 16.17 4.35
N TRP C 335 14.76 16.46 4.47
CA TRP C 335 15.77 15.77 3.68
C TRP C 335 15.80 14.25 3.87
N GLU C 336 15.64 13.78 5.09
CA GLU C 336 15.63 12.33 5.33
C GLU C 336 14.45 11.63 4.68
N ASP C 337 13.30 12.27 4.70
CA ASP C 337 12.11 11.67 4.12
C ASP C 337 12.17 11.68 2.60
N LEU C 338 12.59 12.79 2.01
CA LEU C 338 12.62 12.90 0.56
C LEU C 338 13.91 12.40 -0.12
N ILE C 339 15.08 12.72 0.44
CA ILE C 339 16.30 12.24 -0.17
C ILE C 339 16.88 11.05 0.59
N GLY C 340 17.05 11.21 1.90
CA GLY C 340 17.57 10.13 2.73
C GLY C 340 18.87 9.56 2.18
N TYR C 341 18.96 8.24 2.21
CA TYR C 341 20.08 7.47 1.70
C TYR C 341 20.22 7.50 0.18
N PRO C 343 18.67 9.54 -3.34
CA PRO C 343 17.70 10.44 -3.99
C PRO C 343 17.08 9.73 -5.18
N VAL C 344 15.79 9.90 -5.45
CA VAL C 344 14.87 10.72 -4.68
C VAL C 344 13.60 9.92 -4.40
N LYS C 345 13.00 10.13 -3.23
CA LYS C 345 11.76 9.46 -2.86
C LYS C 345 10.72 9.78 -3.93
N ILE C 346 10.13 8.74 -4.51
CA ILE C 346 9.19 8.90 -5.62
C ILE C 346 7.89 9.56 -5.14
N CYS C 347 7.41 9.14 -3.98
CA CYS C 347 6.28 9.80 -3.35
C CYS C 347 6.28 9.48 -1.86
N TYR C 348 5.62 10.33 -1.08
CA TYR C 348 5.64 10.24 0.38
C TYR C 348 4.28 10.66 0.94
N PRO C 349 3.77 9.92 1.93
CA PRO C 349 4.38 8.69 2.44
C PRO C 349 3.86 7.43 1.76
N ALA C 350 4.42 6.28 2.14
CA ALA C 350 3.98 5.00 1.64
C ALA C 350 2.55 4.70 2.08
N LEU C 351 1.79 4.08 1.19
CA LEU C 351 0.52 3.48 1.60
C LEU C 351 0.79 2.25 2.46
N GLN C 352 0.17 2.18 3.64
CA GLN C 352 0.42 1.06 4.54
C GLN C 352 -0.85 0.33 4.98
N GLY C 353 -0.65 -0.85 5.54
CA GLY C 353 -1.72 -1.66 6.10
C GLY C 353 -2.92 -1.84 5.18
N LEU C 354 -4.09 -1.54 5.71
CA LEU C 354 -5.33 -1.75 4.96
C LEU C 354 -5.45 -0.78 3.78
N GLU C 355 -4.80 0.37 3.84
CA GLU C 355 -4.86 1.30 2.72
C GLU C 355 -4.09 0.77 1.51
N TRP C 356 -2.90 0.20 1.76
CA TRP C 356 -2.14 -0.48 0.72
C TRP C 356 -2.97 -1.57 0.04
N GLN C 357 -3.71 -2.34 0.83
CA GLN C 357 -4.58 -3.39 0.30
C GLN C 357 -5.64 -2.79 -0.61
N ILE C 358 -6.42 -1.86 -0.06
CA ILE C 358 -7.52 -1.25 -0.79
C ILE C 358 -7.05 -0.47 -2.02
N VAL C 359 -5.98 0.30 -1.89
CA VAL C 359 -5.54 1.20 -2.95
C VAL C 359 -4.74 0.48 -4.04
N THR C 360 -3.87 -0.45 -3.66
CA THR C 360 -3.03 -1.12 -4.67
C THR C 360 -3.55 -2.49 -5.07
N GLY C 361 -4.59 -2.95 -4.37
CA GLY C 361 -5.14 -4.27 -4.63
C GLY C 361 -4.22 -5.38 -4.18
N CYS C 362 -3.56 -5.16 -3.05
CA CYS C 362 -2.61 -6.13 -2.48
C CYS C 362 -1.49 -6.47 -3.46
N ASP C 363 -1.02 -5.47 -4.19
CA ASP C 363 0.04 -5.64 -5.16
C ASP C 363 1.34 -5.86 -4.42
N PRO C 364 1.90 -7.06 -4.53
CA PRO C 364 3.07 -7.44 -3.73
C PRO C 364 4.34 -6.73 -4.17
N LYS C 365 4.33 -6.09 -5.34
CA LYS C 365 5.51 -5.34 -5.75
C LYS C 365 5.51 -3.92 -5.16
N ASN C 366 4.36 -3.46 -4.70
CA ASN C 366 4.22 -2.12 -4.14
C ASN C 366 3.88 -2.11 -2.66
N ILE C 367 4.58 -2.96 -1.92
CA ILE C 367 4.42 -3.05 -0.46
C ILE C 367 4.99 -1.75 0.13
N PRO C 368 4.59 -1.39 1.34
CA PRO C 368 5.05 -0.14 1.98
C PRO C 368 6.57 0.16 1.84
N TRP C 369 6.88 1.36 1.35
CA TRP C 369 8.26 1.85 1.17
C TRP C 369 9.04 1.10 0.09
N SER C 370 8.31 0.48 -0.82
CA SER C 370 8.93 -0.26 -1.90
C SER C 370 8.38 0.12 -3.27
N TYR C 371 9.28 0.24 -4.26
CA TYR C 371 8.89 0.56 -5.63
C TYR C 371 8.14 1.89 -5.74
N HIS C 372 6.97 1.83 -6.36
CA HIS C 372 6.14 3.02 -6.55
C HIS C 372 5.67 3.58 -5.21
N ASN C 373 5.39 2.68 -4.28
CA ASN C 373 4.89 3.07 -2.97
C ASN C 373 6.01 3.44 -1.99
N GLY C 374 6.46 4.69 -2.08
CA GLY C 374 7.51 5.18 -1.21
C GLY C 374 8.95 4.75 -1.48
N GLY C 375 9.25 4.29 -2.68
CA GLY C 375 10.62 3.88 -2.97
C GLY C 375 11.49 5.06 -3.38
N ASN C 376 12.81 4.87 -3.37
CA ASN C 376 13.74 5.92 -3.79
C ASN C 376 14.34 5.64 -5.15
N TRP C 377 14.25 6.58 -6.07
CA TRP C 377 14.56 6.31 -7.48
C TRP C 377 15.68 7.17 -7.97
N PRO C 378 16.83 6.55 -8.27
CA PRO C 378 18.01 7.21 -8.82
C PRO C 378 17.76 8.17 -9.95
N VAL C 379 16.97 7.77 -10.94
CA VAL C 379 16.75 8.60 -12.11
C VAL C 379 16.28 10.01 -11.76
N LEU C 380 15.44 10.14 -10.75
CA LEU C 380 14.87 11.43 -10.37
C LEU C 380 15.90 12.47 -9.92
N LEU C 381 17.14 12.04 -9.76
CA LEU C 381 18.22 12.95 -9.37
C LEU C 381 18.46 14.06 -10.41
N TRP C 382 18.27 13.75 -11.69
CA TRP C 382 18.51 14.74 -12.73
C TRP C 382 17.46 15.85 -12.68
N LEU C 383 16.22 15.48 -12.39
CA LEU C 383 15.17 16.48 -12.19
C LEU C 383 15.42 17.28 -10.92
N PHE C 384 15.87 16.61 -9.86
CA PHE C 384 16.14 17.30 -8.61
C PHE C 384 17.28 18.31 -8.76
N THR C 385 18.34 17.90 -9.44
CA THR C 385 19.50 18.75 -9.69
C THR C 385 19.10 19.97 -10.52
N ALA C 386 18.42 19.71 -11.64
CA ALA C 386 17.89 20.79 -12.46
C ALA C 386 17.09 21.81 -11.64
N ALA C 387 16.16 21.33 -10.82
CA ALA C 387 15.30 22.21 -10.05
C ALA C 387 16.08 22.94 -8.97
N ALA C 388 17.02 22.24 -8.35
CA ALA C 388 17.93 22.84 -7.37
C ALA C 388 18.65 24.06 -7.95
N LEU C 389 19.28 23.85 -9.10
CA LEU C 389 20.02 24.89 -9.81
C LEU C 389 19.13 26.07 -10.17
N LYS C 390 17.99 25.78 -10.79
CA LYS C 390 17.05 26.80 -11.26
C LYS C 390 16.52 27.71 -10.13
N THR C 391 16.37 27.16 -8.93
CA THR C 391 15.93 27.94 -7.76
C THR C 391 17.14 28.43 -6.94
N GLY C 392 18.33 28.13 -7.41
CA GLY C 392 19.56 28.58 -6.79
C GLY C 392 19.96 27.88 -5.50
N LYS C 393 19.40 26.72 -5.25
CA LYS C 393 19.80 25.94 -4.08
C LYS C 393 20.76 24.92 -4.67
N VAL C 394 22.03 25.29 -4.74
CA VAL C 394 23.01 24.41 -5.37
C VAL C 394 23.57 23.43 -4.38
N GLU C 395 23.73 23.88 -3.14
CA GLU C 395 24.21 23.02 -2.07
C GLU C 395 23.39 21.73 -1.92
N LEU C 396 22.08 21.82 -2.21
CA LEU C 396 21.21 20.65 -2.17
C LEU C 396 21.48 19.65 -3.28
N ALA C 397 21.66 20.15 -4.51
CA ALA C 397 22.07 19.30 -5.62
C ALA C 397 23.38 18.60 -5.31
N HIS C 398 24.32 19.36 -4.78
CA HIS C 398 25.62 18.84 -4.45
C HIS C 398 25.57 17.73 -3.40
N GLU C 399 24.79 17.94 -2.35
CA GLU C 399 24.64 16.94 -1.28
C GLU C 399 23.89 15.73 -1.81
N ALA C 400 22.90 15.97 -2.65
CA ALA C 400 22.14 14.92 -3.29
C ALA C 400 23.02 14.06 -4.20
N ILE C 401 23.86 14.69 -5.01
CA ILE C 401 24.76 13.94 -5.89
C ILE C 401 25.80 13.15 -5.07
N ALA C 402 26.29 13.77 -4.01
CA ALA C 402 27.27 13.13 -3.14
C ALA C 402 26.72 11.81 -2.59
N ILE C 403 25.51 11.87 -2.05
CA ILE C 403 24.86 10.70 -1.48
C ILE C 403 24.70 9.57 -2.50
N ALA C 404 24.13 9.90 -3.66
CA ALA C 404 23.92 8.93 -4.72
C ALA C 404 25.22 8.37 -5.26
N GLU C 405 26.22 9.23 -5.42
CA GLU C 405 27.52 8.83 -5.97
C GLU C 405 28.19 7.76 -5.11
N GLY C 406 28.00 7.86 -3.79
CA GLY C 406 28.61 6.94 -2.85
C GLY C 406 28.07 5.51 -2.82
N ARG C 407 26.95 5.25 -3.49
CA ARG C 407 26.33 3.92 -3.43
C ARG C 407 26.14 3.25 -4.78
N LEU C 408 25.71 4.01 -5.78
CA LEU C 408 25.25 3.45 -7.05
C LEU C 408 26.23 2.48 -7.71
N SER C 409 27.44 2.96 -7.98
CA SER C 409 28.49 2.18 -8.59
C SER C 409 28.70 0.85 -7.83
N ASN C 410 28.84 0.96 -6.52
CA ASN C 410 29.04 -0.22 -5.69
C ASN C 410 27.83 -1.15 -5.74
N ASP C 411 26.66 -0.55 -5.72
CA ASP C 411 25.41 -1.31 -5.75
C ASP C 411 25.09 -1.77 -7.16
N LYS C 412 25.91 -1.35 -8.12
CA LYS C 412 25.78 -1.70 -9.53
C LYS C 412 24.58 -1.03 -10.19
N PHE C 413 24.26 0.17 -9.73
CA PHE C 413 23.18 0.99 -10.32
C PHE C 413 21.79 0.36 -10.33
N PRO C 414 21.22 0.11 -9.13
CA PRO C 414 19.87 -0.45 -9.02
C PRO C 414 18.79 0.50 -9.52
N GLU C 415 17.75 -0.09 -10.10
CA GLU C 415 16.58 0.61 -10.59
C GLU C 415 15.91 1.48 -9.52
N TYR C 416 15.90 1.02 -8.27
CA TYR C 416 15.37 1.77 -7.14
C TYR C 416 15.84 1.21 -5.80
N TYR C 417 15.50 1.91 -4.73
CA TYR C 417 15.85 1.52 -3.36
C TYR C 417 14.59 1.47 -2.50
N ASP C 418 14.63 0.68 -1.43
CA ASP C 418 13.48 0.52 -0.54
C ASP C 418 13.74 0.88 0.92
N GLY C 419 12.66 1.19 1.64
CA GLY C 419 12.75 1.58 3.03
C GLY C 419 12.38 3.03 3.21
N ASN C 420 12.06 3.43 4.44
CA ASN C 420 11.67 4.80 4.74
C ASN C 420 12.66 5.81 4.17
N ASN C 421 13.93 5.46 4.21
CA ASN C 421 14.99 6.35 3.76
C ASN C 421 15.82 5.76 2.64
N GLY C 422 15.34 4.68 2.01
CA GLY C 422 16.06 4.09 0.90
C GLY C 422 17.34 3.36 1.29
N ARG C 423 17.40 2.82 2.51
CA ARG C 423 18.57 2.07 2.98
C ARG C 423 18.76 0.79 2.20
N LEU C 424 17.64 0.14 1.90
CA LEU C 424 17.65 -1.12 1.19
C LEU C 424 17.76 -0.93 -0.30
N ILE C 425 18.49 -1.82 -0.96
CA ILE C 425 18.43 -1.88 -2.40
C ILE C 425 17.07 -2.48 -2.76
N GLY C 426 16.45 -1.96 -3.80
CA GLY C 426 15.12 -2.36 -4.21
C GLY C 426 14.94 -3.87 -4.27
N LYS C 427 13.81 -4.32 -3.73
CA LYS C 427 13.48 -5.73 -3.56
C LYS C 427 13.58 -6.51 -4.87
N GLU C 428 12.96 -5.98 -5.91
CA GLU C 428 12.98 -6.58 -7.24
C GLU C 428 13.68 -5.66 -8.23
N ALA C 429 14.53 -4.77 -7.70
CA ALA C 429 15.22 -3.77 -8.52
C ALA C 429 16.14 -4.45 -9.52
N ARG C 430 16.12 -3.97 -10.76
CA ARG C 430 17.02 -4.50 -11.78
C ARG C 430 18.37 -3.80 -11.56
N ILE C 431 19.48 -4.49 -11.76
CA ILE C 431 20.77 -3.81 -11.62
C ILE C 431 21.22 -3.30 -13.01
N TYR C 432 22.20 -2.39 -13.01
CA TYR C 432 22.62 -1.66 -14.22
C TYR C 432 21.40 -1.11 -14.95
N GLN C 433 20.56 -0.37 -14.21
CA GLN C 433 19.39 0.31 -14.77
C GLN C 433 19.85 1.57 -15.49
N THR C 434 19.56 1.64 -16.79
CA THR C 434 20.11 2.70 -17.59
C THR C 434 19.79 4.12 -17.12
N TRP C 435 18.53 4.39 -16.78
CA TRP C 435 18.20 5.76 -16.39
C TRP C 435 18.67 6.09 -14.97
N SER C 436 19.02 5.07 -14.19
CA SER C 436 19.72 5.30 -12.92
C SER C 436 21.12 5.83 -13.24
N ILE C 437 21.77 5.20 -14.21
CA ILE C 437 23.10 5.60 -14.67
C ILE C 437 23.03 6.98 -15.34
N ALA C 438 22.16 7.12 -16.33
CA ALA C 438 21.99 8.39 -17.03
C ALA C 438 21.63 9.52 -16.07
N GLY C 439 20.73 9.23 -15.13
CA GLY C 439 20.34 10.19 -14.13
C GLY C 439 21.53 10.88 -13.48
N LEU C 440 22.45 10.08 -12.97
CA LEU C 440 23.67 10.60 -12.34
C LEU C 440 24.54 11.40 -13.31
N LEU C 441 24.72 10.89 -14.53
CA LEU C 441 25.51 11.58 -15.53
C LEU C 441 24.91 12.95 -15.83
N VAL C 442 23.61 12.97 -16.14
CA VAL C 442 22.90 14.21 -16.40
C VAL C 442 23.08 15.24 -15.29
N ALA C 443 22.91 14.80 -14.06
CA ALA C 443 22.98 15.69 -12.91
C ALA C 443 24.35 16.35 -12.80
N LYS C 444 25.39 15.57 -13.04
CA LYS C 444 26.76 16.06 -12.99
C LYS C 444 27.03 17.03 -14.13
N GLN C 445 26.52 16.72 -15.31
CA GLN C 445 26.64 17.62 -16.44
C GLN C 445 25.96 18.96 -16.18
N PHE C 446 24.81 18.94 -15.51
CA PHE C 446 24.10 20.18 -15.16
C PHE C 446 24.89 20.98 -14.15
N LEU C 447 25.57 20.27 -13.26
CA LEU C 447 26.31 20.93 -12.19
C LEU C 447 27.54 21.65 -12.73
N ALA C 448 28.26 20.99 -13.64
CA ALA C 448 29.41 21.55 -14.33
C ALA C 448 29.02 22.75 -15.21
N ASN C 449 27.92 22.64 -15.94
CA ASN C 449 27.42 23.73 -16.77
C ASN C 449 25.91 23.92 -16.61
N PRO C 450 25.49 24.73 -15.62
CA PRO C 450 24.08 25.02 -15.31
C PRO C 450 23.27 25.64 -16.44
N ASP C 451 23.93 26.02 -17.53
CA ASP C 451 23.23 26.52 -18.70
C ASP C 451 22.54 25.40 -19.46
N HIS C 452 23.01 24.17 -19.27
CA HIS C 452 22.39 22.98 -19.86
C HIS C 452 20.98 22.70 -19.32
N VAL C 453 20.63 23.31 -18.19
CA VAL C 453 19.29 23.18 -17.62
C VAL C 453 18.22 23.78 -18.54
N GLU C 454 18.63 24.61 -19.49
CA GLU C 454 17.69 25.25 -20.41
C GLU C 454 16.99 24.30 -21.37
N PHE C 455 17.44 23.04 -21.45
CA PHE C 455 16.82 22.10 -22.37
C PHE C 455 15.47 21.60 -21.88
N ILE C 456 15.33 21.54 -20.56
CA ILE C 456 14.09 21.04 -19.96
C ILE C 456 13.28 22.19 -19.34
N SER C 457 13.57 23.41 -19.76
CA SER C 457 12.93 24.60 -19.17
C SER C 457 12.80 25.71 -20.20
#